data_2WU9
#
_entry.id   2WU9
#
_cell.length_a   60.831
_cell.length_b   86.670
_cell.length_c   72.750
_cell.angle_alpha   90.00
_cell.angle_beta   106.71
_cell.angle_gamma   90.00
#
_symmetry.space_group_name_H-M   'P 1 21 1'
#
loop_
_entity.id
_entity.type
_entity.pdbx_description
1 polymer '3-KETOACYL-COA THIOLASE 2, PEROXISOMAL'
2 non-polymer 1,2-ETHANEDIOL
3 water water
#
_entity_poly.entity_id   1
_entity_poly.type   'polypeptide(L)'
_entity_poly.pdbx_seq_one_letter_code
;MAHHHHHHVDDDDKMAGDSAAYQRTSLYGDDVVIVAAHRTPLCKSKRGNFKDTYPDDLLAPVLRALIEKTNLNPSEVGDI
VVGTVLAPGSQRASECRMAAFYAGFPETVAVRTVNRQCSSGLQAVADVAAAIKAGFYDIGIGAGLESMTTNPMAWEGSVN
PAVKKFAQAQNCLLPMGVTSENVAQRFGVSRQEQDQAAVDSHRKAAAATAAGKFKDEIIPVKTKLVDPKTGDEKPITVSV
DDGIRPTTTLASLGKLKPVFKKDGTTTAGNSSQVSDGAGAVLLMKRSVAMQKGLPVLGVFRTFAAVGVDPAIMGIGPAVA
IPAAVKAAGLELDDIDLFEINEAFASQFVYCRNKLGLDPEKINVNGGAMAIGHPLGATGARCVATLLHEMKRRGKDCRFG
VVSMCIGTGMGAAAVFERGDGVDELRNARKVEAQGLLSKDAR
;
_entity_poly.pdbx_strand_id   A,B
#
# COMPACT_ATOMS: atom_id res chain seq x y z
N SER A 26 18.13 3.16 -21.13
CA SER A 26 18.29 3.46 -19.71
C SER A 26 19.63 4.15 -19.45
N LEU A 27 19.57 5.42 -19.08
CA LEU A 27 20.77 6.22 -18.91
C LEU A 27 21.40 5.98 -17.55
N TYR A 28 22.73 5.96 -17.49
CA TYR A 28 23.42 5.67 -16.26
C TYR A 28 22.94 6.54 -15.09
N GLY A 29 22.84 7.85 -15.35
CA GLY A 29 22.47 8.79 -14.30
C GLY A 29 21.06 8.61 -13.79
N ASP A 30 20.25 7.86 -14.53
CA ASP A 30 18.86 7.60 -14.17
C ASP A 30 18.67 6.30 -13.39
N ASP A 31 19.75 5.53 -13.19
CA ASP A 31 19.64 4.32 -12.37
C ASP A 31 19.12 4.68 -11.00
N VAL A 32 18.26 3.82 -10.46
CA VAL A 32 17.82 4.00 -9.07
C VAL A 32 18.85 3.34 -8.14
N VAL A 33 19.54 4.14 -7.36
CA VAL A 33 20.57 3.62 -6.46
C VAL A 33 20.15 3.63 -5.00
N ILE A 34 20.70 2.68 -4.25
CA ILE A 34 20.52 2.63 -2.82
C ILE A 34 21.76 3.24 -2.18
N VAL A 35 21.58 4.28 -1.38
CA VAL A 35 22.71 4.92 -0.72
C VAL A 35 22.82 4.58 0.77
N ALA A 36 21.79 3.92 1.30
CA ALA A 36 21.82 3.45 2.67
C ALA A 36 20.72 2.43 2.85
N ALA A 37 20.99 1.41 3.65
CA ALA A 37 20.01 0.37 3.94
C ALA A 37 20.32 -0.17 5.33
N HIS A 38 19.33 -0.08 6.21
CA HIS A 38 19.52 -0.39 7.62
C HIS A 38 18.31 -1.07 8.21
N ARG A 39 18.51 -1.65 9.38
CA ARG A 39 17.45 -2.37 10.05
C ARG A 39 17.63 -2.28 11.56
N THR A 40 16.55 -2.48 12.29
CA THR A 40 16.66 -2.72 13.73
C THR A 40 17.10 -4.17 13.89
N PRO A 41 17.57 -4.52 15.09
CA PRO A 41 17.59 -5.95 15.39
C PRO A 41 16.15 -6.47 15.26
N LEU A 42 16.00 -7.76 15.04
CA LEU A 42 14.67 -8.38 15.05
C LEU A 42 14.57 -9.17 16.35
N CYS A 43 13.44 -9.06 17.03
CA CYS A 43 13.30 -9.73 18.34
C CYS A 43 12.04 -10.55 18.47
N LYS A 44 12.10 -11.57 19.32
CA LYS A 44 10.98 -12.48 19.48
C LYS A 44 9.77 -11.75 20.01
N SER A 45 8.63 -11.91 19.35
CA SER A 45 7.44 -11.22 19.82
C SER A 45 7.01 -11.73 21.20
N LYS A 46 6.39 -10.84 21.97
CA LYS A 46 5.76 -11.18 23.25
C LYS A 46 6.73 -11.38 24.41
N ARG A 47 7.84 -12.05 24.14
CA ARG A 47 8.82 -12.38 25.18
C ARG A 47 10.19 -11.75 24.95
N GLY A 48 10.43 -11.25 23.75
CA GLY A 48 11.73 -10.74 23.39
C GLY A 48 11.93 -9.26 23.73
N ASN A 49 13.05 -8.72 23.28
CA ASN A 49 13.47 -7.41 23.76
C ASN A 49 12.66 -6.21 23.26
N PHE A 50 11.75 -6.43 22.30
CA PHE A 50 10.91 -5.35 21.82
C PHE A 50 9.47 -5.51 22.28
N LYS A 51 9.25 -6.42 23.23
CA LYS A 51 7.89 -6.70 23.67
C LYS A 51 7.19 -5.47 24.25
N ASP A 52 7.96 -4.52 24.77
CA ASP A 52 7.39 -3.29 25.34
C ASP A 52 7.70 -2.05 24.51
N THR A 53 7.97 -2.27 23.22
CA THR A 53 8.33 -1.19 22.33
C THR A 53 7.24 -0.93 21.31
N TYR A 54 6.76 0.30 21.23
CA TYR A 54 5.73 0.67 20.25
C TYR A 54 6.25 0.58 18.83
N PRO A 55 5.36 0.31 17.87
CA PRO A 55 5.78 0.18 16.46
C PRO A 55 6.51 1.42 15.93
N ASP A 56 6.01 2.59 16.29
N ASP A 56 6.00 2.60 16.28
CA ASP A 56 6.61 3.84 15.84
CA ASP A 56 6.61 3.84 15.83
C ASP A 56 8.04 4.00 16.34
C ASP A 56 8.04 4.00 16.34
N ASP A 57 8.34 3.40 17.50
CA ASP A 57 9.68 3.46 18.08
C ASP A 57 10.63 2.44 17.45
N LEU A 58 10.11 1.53 16.64
CA LEU A 58 10.95 0.64 15.85
C LEU A 58 11.28 1.31 14.51
N LEU A 59 10.30 1.98 13.93
CA LEU A 59 10.49 2.59 12.61
C LEU A 59 11.33 3.86 12.71
N ALA A 60 11.05 4.70 13.71
CA ALA A 60 11.76 5.99 13.79
C ALA A 60 13.29 5.88 13.75
N PRO A 61 13.87 4.94 14.53
CA PRO A 61 15.34 4.84 14.49
C PRO A 61 15.93 4.56 13.10
N VAL A 62 15.27 3.72 12.30
CA VAL A 62 15.83 3.39 11.01
C VAL A 62 15.60 4.52 10.00
N LEU A 63 14.50 5.25 10.14
CA LEU A 63 14.30 6.42 9.30
C LEU A 63 15.34 7.49 9.60
N ARG A 64 15.55 7.76 10.89
CA ARG A 64 16.54 8.75 11.32
C ARG A 64 17.94 8.38 10.84
N ALA A 65 18.28 7.09 10.91
CA ALA A 65 19.61 6.63 10.54
C ALA A 65 19.89 6.90 9.06
N LEU A 66 18.89 6.74 8.20
CA LEU A 66 19.08 6.99 6.77
C LEU A 66 19.52 8.42 6.53
N ILE A 67 18.87 9.35 7.23
CA ILE A 67 19.15 10.77 7.12
C ILE A 67 20.50 11.10 7.71
N GLU A 68 20.76 10.59 8.91
CA GLU A 68 21.96 11.00 9.64
C GLU A 68 23.22 10.46 8.97
N LYS A 69 23.12 9.26 8.40
CA LYS A 69 24.28 8.64 7.78
C LYS A 69 24.62 9.24 6.41
N THR A 70 23.68 9.95 5.80
CA THR A 70 23.91 10.54 4.50
C THR A 70 23.96 12.06 4.58
N ASN A 71 23.70 12.62 5.75
CA ASN A 71 23.66 14.07 5.92
C ASN A 71 22.65 14.71 4.98
N LEU A 72 21.57 14.01 4.70
CA LEU A 72 20.55 14.51 3.79
C LEU A 72 19.54 15.37 4.54
N ASN A 73 19.16 16.50 3.97
CA ASN A 73 18.06 17.26 4.52
C ASN A 73 16.80 16.44 4.32
N PRO A 74 16.10 16.09 5.41
CA PRO A 74 14.94 15.21 5.24
C PRO A 74 13.84 15.79 4.35
N SER A 75 13.79 17.11 4.21
N SER A 75 13.79 17.10 4.21
N SER A 75 13.81 17.10 4.21
CA SER A 75 12.75 17.71 3.36
CA SER A 75 12.80 17.73 3.35
CA SER A 75 12.81 17.75 3.36
C SER A 75 12.91 17.30 1.89
C SER A 75 12.89 17.25 1.91
C SER A 75 12.92 17.31 1.91
N GLU A 76 14.08 16.80 1.52
CA GLU A 76 14.31 16.39 0.13
C GLU A 76 13.72 15.01 -0.20
N VAL A 77 13.23 14.30 0.81
CA VAL A 77 12.66 12.98 0.60
C VAL A 77 11.25 13.13 0.03
N GLY A 78 11.01 12.45 -1.10
CA GLY A 78 9.76 12.59 -1.82
C GLY A 78 8.58 11.82 -1.25
N ASP A 79 8.86 10.69 -0.62
CA ASP A 79 7.84 9.87 -0.01
C ASP A 79 8.52 8.89 0.91
N ILE A 80 7.80 8.49 1.95
CA ILE A 80 8.21 7.40 2.80
C ILE A 80 7.15 6.33 2.67
N VAL A 81 7.57 5.19 2.12
CA VAL A 81 6.64 4.10 1.84
C VAL A 81 6.97 2.94 2.77
N VAL A 82 6.01 2.56 3.61
CA VAL A 82 6.26 1.54 4.64
C VAL A 82 5.44 0.26 4.42
N GLY A 83 6.12 -0.85 4.15
CA GLY A 83 5.45 -2.14 4.08
C GLY A 83 5.13 -2.61 5.48
N THR A 84 3.86 -2.91 5.73
CA THR A 84 3.46 -3.34 7.06
C THR A 84 2.11 -4.06 6.92
N VAL A 85 1.90 -5.13 7.68
CA VAL A 85 0.88 -6.11 7.34
C VAL A 85 -0.33 -6.23 8.26
N LEU A 86 -0.10 -6.30 9.56
CA LEU A 86 -1.14 -6.83 10.47
C LEU A 86 -2.09 -5.84 11.15
N ALA A 87 -1.73 -4.57 11.23
CA ALA A 87 -2.51 -3.60 12.00
C ALA A 87 -3.68 -3.01 11.21
N PRO A 88 -4.67 -2.46 11.92
CA PRO A 88 -5.70 -1.65 11.24
C PRO A 88 -5.03 -0.60 10.36
N GLY A 89 -5.49 -0.49 9.12
CA GLY A 89 -4.79 0.32 8.15
C GLY A 89 -4.54 1.75 8.58
N SER A 90 -5.60 2.46 8.95
CA SER A 90 -5.49 3.88 9.22
C SER A 90 -4.58 4.17 10.41
N GLN A 91 -4.76 3.42 11.49
N GLN A 91 -4.77 3.42 11.50
CA GLN A 91 -3.95 3.63 12.68
CA GLN A 91 -3.94 3.60 12.69
C GLN A 91 -2.46 3.43 12.39
C GLN A 91 -2.48 3.48 12.33
N ARG A 92 -2.14 2.40 11.62
CA ARG A 92 -0.74 2.13 11.32
C ARG A 92 -0.16 3.17 10.37
N ALA A 93 -0.92 3.64 9.40
CA ALA A 93 -0.41 4.72 8.54
C ALA A 93 -0.18 5.99 9.37
N SER A 94 -1.03 6.22 10.36
N SER A 94 -1.03 6.22 10.36
CA SER A 94 -0.84 7.34 11.27
CA SER A 94 -0.85 7.35 11.28
C SER A 94 0.42 7.16 12.10
C SER A 94 0.42 7.17 12.12
N GLU A 95 0.61 5.95 12.63
CA GLU A 95 1.81 5.64 13.39
C GLU A 95 3.08 5.85 12.56
N CYS A 96 3.01 5.58 11.26
CA CYS A 96 4.17 5.80 10.41
C CYS A 96 4.47 7.29 10.24
N ARG A 97 3.42 8.10 10.14
CA ARG A 97 3.58 9.55 10.08
C ARG A 97 4.23 10.06 11.36
N MET A 98 3.75 9.55 12.50
N MET A 98 3.73 9.57 12.50
CA MET A 98 4.28 9.94 13.80
CA MET A 98 4.29 9.94 13.79
C MET A 98 5.75 9.53 13.91
C MET A 98 5.77 9.56 13.86
N ALA A 99 6.09 8.33 13.46
CA ALA A 99 7.48 7.87 13.45
C ALA A 99 8.37 8.81 12.65
N ALA A 100 7.89 9.24 11.48
CA ALA A 100 8.68 10.17 10.67
C ALA A 100 8.93 11.48 11.44
N PHE A 101 7.92 11.95 12.16
CA PHE A 101 8.13 13.14 12.98
C PHE A 101 9.17 12.88 14.09
N TYR A 102 9.08 11.72 14.73
CA TYR A 102 10.06 11.38 15.76
C TYR A 102 11.47 11.41 15.19
N ALA A 103 11.58 10.98 13.94
CA ALA A 103 12.88 10.83 13.27
C ALA A 103 13.43 12.14 12.72
N GLY A 104 12.66 13.22 12.92
CA GLY A 104 13.12 14.55 12.54
C GLY A 104 12.69 15.03 11.16
N PHE A 105 11.74 14.33 10.54
CA PHE A 105 11.26 14.75 9.24
C PHE A 105 10.25 15.87 9.41
N PRO A 106 10.23 16.82 8.47
CA PRO A 106 9.27 17.92 8.53
C PRO A 106 7.89 17.49 8.03
N GLU A 107 6.89 18.35 8.26
CA GLU A 107 5.52 18.00 7.90
C GLU A 107 5.36 17.81 6.38
N THR A 108 6.29 18.35 5.60
CA THR A 108 6.14 18.35 4.14
C THR A 108 6.40 17.00 3.48
N VAL A 109 7.03 16.08 4.20
CA VAL A 109 7.34 14.77 3.64
C VAL A 109 6.15 13.82 3.83
N ALA A 110 5.56 13.40 2.73
CA ALA A 110 4.43 12.46 2.78
C ALA A 110 4.84 11.06 3.22
N VAL A 111 3.87 10.29 3.69
N VAL A 111 3.86 10.29 3.66
CA VAL A 111 4.09 8.92 4.12
CA VAL A 111 4.05 8.92 4.15
C VAL A 111 2.88 8.08 3.71
C VAL A 111 2.86 8.07 3.75
N ARG A 112 3.11 6.80 3.48
CA ARG A 112 2.04 5.86 3.14
C ARG A 112 2.47 4.46 3.51
N THR A 113 1.52 3.53 3.54
CA THR A 113 1.87 2.15 3.75
C THR A 113 1.43 1.31 2.57
N VAL A 114 2.07 0.15 2.43
CA VAL A 114 1.67 -0.80 1.41
C VAL A 114 1.61 -2.19 2.02
N ASN A 115 0.75 -3.04 1.45
CA ASN A 115 0.55 -4.39 1.96
C ASN A 115 0.47 -5.39 0.82
N ARG A 116 1.53 -6.18 0.65
CA ARG A 116 1.42 -7.41 -0.14
C ARG A 116 1.88 -8.53 0.78
N GLN A 117 1.22 -8.60 1.93
CA GLN A 117 1.50 -9.62 2.93
C GLN A 117 3.00 -9.70 3.24
N CYS A 118 3.53 -10.93 3.18
N CYS A 118 3.56 -10.91 3.24
CA CYS A 118 4.90 -11.24 3.56
CA CYS A 118 4.95 -11.09 3.65
C CYS A 118 5.97 -10.48 2.77
C CYS A 118 5.97 -10.32 2.82
N SER A 119 5.60 -9.96 1.60
CA SER A 119 6.53 -9.22 0.74
C SER A 119 6.51 -7.72 0.94
N SER A 120 5.70 -7.24 1.88
CA SER A 120 5.40 -5.81 1.95
C SER A 120 6.62 -4.88 2.00
N GLY A 121 7.62 -5.28 2.77
CA GLY A 121 8.80 -4.44 2.94
C GLY A 121 9.59 -4.35 1.64
N LEU A 122 9.61 -5.43 0.86
CA LEU A 122 10.28 -5.38 -0.43
C LEU A 122 9.43 -4.62 -1.44
N GLN A 123 8.12 -4.84 -1.40
CA GLN A 123 7.23 -4.06 -2.24
C GLN A 123 7.45 -2.56 -2.04
N ALA A 124 7.64 -2.12 -0.79
CA ALA A 124 7.83 -0.70 -0.53
C ALA A 124 9.05 -0.16 -1.28
N VAL A 125 10.13 -0.92 -1.23
CA VAL A 125 11.35 -0.55 -1.94
C VAL A 125 11.12 -0.47 -3.46
N ALA A 126 10.42 -1.47 -4.00
CA ALA A 126 10.09 -1.47 -5.43
C ALA A 126 9.18 -0.29 -5.83
N ASP A 127 8.22 0.03 -4.96
N ASP A 127 8.25 0.04 -4.94
CA ASP A 127 7.38 1.19 -5.20
CA ASP A 127 7.36 1.19 -5.15
C ASP A 127 8.20 2.47 -5.32
C ASP A 127 8.13 2.51 -5.24
N VAL A 128 9.14 2.66 -4.39
CA VAL A 128 10.00 3.84 -4.44
C VAL A 128 10.82 3.85 -5.73
N ALA A 129 11.40 2.70 -6.08
CA ALA A 129 12.15 2.63 -7.33
C ALA A 129 11.27 2.97 -8.53
N ALA A 130 10.05 2.45 -8.54
CA ALA A 130 9.16 2.76 -9.66
C ALA A 130 8.84 4.25 -9.73
N ALA A 131 8.59 4.86 -8.57
CA ALA A 131 8.21 6.26 -8.52
C ALA A 131 9.36 7.14 -9.02
N ILE A 132 10.59 6.78 -8.65
CA ILE A 132 11.76 7.54 -9.09
C ILE A 132 11.93 7.39 -10.60
N LYS A 133 11.87 6.15 -11.09
CA LYS A 133 11.97 5.90 -12.52
C LYS A 133 10.90 6.64 -13.30
N ALA A 134 9.71 6.75 -12.72
CA ALA A 134 8.58 7.40 -13.39
C ALA A 134 8.64 8.93 -13.31
N GLY A 135 9.62 9.46 -12.57
CA GLY A 135 9.78 10.90 -12.44
C GLY A 135 8.84 11.55 -11.43
N PHE A 136 8.31 10.77 -10.49
CA PHE A 136 7.42 11.32 -9.46
C PHE A 136 8.19 12.15 -8.44
N TYR A 137 9.41 11.71 -8.15
CA TYR A 137 10.34 12.42 -7.26
C TYR A 137 11.71 11.78 -7.44
N ASP A 138 12.75 12.39 -6.87
CA ASP A 138 14.12 11.92 -7.11
C ASP A 138 14.71 11.10 -5.97
N ILE A 139 14.13 11.20 -4.78
CA ILE A 139 14.63 10.54 -3.57
C ILE A 139 13.44 9.98 -2.80
N GLY A 140 13.54 8.74 -2.33
CA GLY A 140 12.48 8.18 -1.52
C GLY A 140 12.99 7.16 -0.52
N ILE A 141 12.17 6.85 0.47
CA ILE A 141 12.50 5.83 1.47
C ILE A 141 11.52 4.68 1.38
N GLY A 142 12.03 3.47 1.16
CA GLY A 142 11.21 2.27 1.22
C GLY A 142 11.55 1.53 2.50
N ALA A 143 10.52 1.28 3.31
CA ALA A 143 10.75 0.72 4.64
C ALA A 143 9.80 -0.45 4.89
N GLY A 144 9.99 -1.11 6.02
CA GLY A 144 9.15 -2.21 6.42
C GLY A 144 9.06 -2.19 7.93
N LEU A 145 7.91 -2.58 8.47
CA LEU A 145 7.66 -2.49 9.89
C LEU A 145 6.65 -3.55 10.35
N GLU A 146 6.96 -4.23 11.45
CA GLU A 146 5.95 -5.07 12.07
C GLU A 146 6.24 -5.22 13.55
N SER A 147 5.19 -5.12 14.36
CA SER A 147 5.27 -5.54 15.74
C SER A 147 4.26 -6.64 15.91
N MET A 148 4.72 -7.88 15.80
CA MET A 148 3.84 -9.02 15.97
C MET A 148 3.47 -9.22 17.43
N THR A 149 4.19 -8.54 18.32
CA THR A 149 3.75 -8.41 19.71
C THR A 149 2.41 -7.68 19.78
N THR A 150 2.33 -6.59 19.02
CA THR A 150 1.19 -5.68 19.10
C THR A 150 -0.02 -6.20 18.34
N ASN A 151 0.22 -6.74 17.15
CA ASN A 151 -0.87 -7.14 16.23
C ASN A 151 -0.94 -8.63 15.95
N PRO A 152 -2.02 -9.27 16.42
CA PRO A 152 -2.25 -10.70 16.22
C PRO A 152 -2.65 -11.02 14.78
N MET A 153 -2.35 -12.25 14.36
CA MET A 153 -2.80 -12.74 13.06
C MET A 153 -4.11 -13.45 13.31
N ALA A 154 -5.22 -12.77 13.08
CA ALA A 154 -6.53 -13.33 13.33
C ALA A 154 -7.59 -12.64 12.49
N TRP A 155 -8.48 -13.43 11.90
CA TRP A 155 -9.56 -12.89 11.08
C TRP A 155 -10.60 -12.24 11.99
N GLU A 156 -11.10 -11.08 11.58
CA GLU A 156 -12.15 -10.39 12.35
C GLU A 156 -13.49 -10.44 11.65
N GLY A 157 -14.53 -10.81 12.38
CA GLY A 157 -15.86 -10.84 11.81
C GLY A 157 -16.07 -12.08 10.97
N SER A 158 -17.12 -12.09 10.17
CA SER A 158 -17.47 -13.27 9.40
C SER A 158 -16.74 -13.33 8.06
N VAL A 159 -16.78 -14.51 7.46
CA VAL A 159 -16.27 -14.70 6.11
C VAL A 159 -17.48 -14.70 5.18
N ASN A 160 -17.38 -13.99 4.05
CA ASN A 160 -18.44 -14.01 3.05
C ASN A 160 -18.82 -15.45 2.67
N PRO A 161 -20.08 -15.84 2.95
CA PRO A 161 -20.45 -17.22 2.64
C PRO A 161 -20.30 -17.52 1.14
N ALA A 162 -20.34 -16.47 0.33
CA ALA A 162 -20.23 -16.61 -1.11
C ALA A 162 -18.88 -17.19 -1.54
N VAL A 163 -17.91 -17.21 -0.63
CA VAL A 163 -16.61 -17.81 -0.91
C VAL A 163 -16.74 -19.29 -1.31
N LYS A 164 -17.86 -19.90 -0.95
CA LYS A 164 -18.12 -21.32 -1.27
C LYS A 164 -18.08 -21.59 -2.77
N LYS A 165 -18.33 -20.56 -3.58
CA LYS A 165 -18.40 -20.75 -5.02
C LYS A 165 -17.04 -20.69 -5.71
N PHE A 166 -16.00 -20.30 -4.97
CA PHE A 166 -14.67 -20.11 -5.55
C PHE A 166 -13.58 -20.79 -4.71
N ALA A 167 -13.22 -22.00 -5.13
CA ALA A 167 -12.28 -22.81 -4.37
C ALA A 167 -10.98 -22.08 -4.09
N GLN A 168 -10.49 -21.30 -5.04
CA GLN A 168 -9.22 -20.62 -4.83
C GLN A 168 -9.36 -19.51 -3.82
N ALA A 169 -10.53 -18.87 -3.78
CA ALA A 169 -10.79 -17.87 -2.76
C ALA A 169 -10.81 -18.55 -1.40
N GLN A 170 -11.45 -19.71 -1.31
CA GLN A 170 -11.50 -20.43 -0.03
C GLN A 170 -10.09 -20.76 0.44
N ASN A 171 -9.24 -21.16 -0.49
CA ASN A 171 -7.87 -21.51 -0.13
C ASN A 171 -7.05 -20.32 0.38
N CYS A 172 -7.48 -19.10 0.09
CA CYS A 172 -6.82 -17.93 0.69
C CYS A 172 -6.95 -17.89 2.20
N LEU A 173 -7.89 -18.67 2.74
CA LEU A 173 -8.17 -18.65 4.17
C LEU A 173 -7.38 -19.72 4.93
N LEU A 174 -6.64 -20.56 4.21
CA LEU A 174 -5.82 -21.58 4.86
C LEU A 174 -4.80 -20.97 5.80
N PRO A 175 -4.61 -21.59 6.96
CA PRO A 175 -3.47 -21.18 7.80
C PRO A 175 -2.17 -21.34 7.02
N MET A 176 -1.24 -20.41 7.21
CA MET A 176 0.04 -20.48 6.52
C MET A 176 0.70 -21.83 6.78
N GLY A 177 0.56 -22.33 8.01
CA GLY A 177 1.19 -23.58 8.40
C GLY A 177 0.62 -24.77 7.65
N VAL A 178 -0.66 -24.69 7.29
CA VAL A 178 -1.26 -25.73 6.47
C VAL A 178 -0.66 -25.72 5.07
N THR A 179 -0.42 -24.52 4.52
CA THR A 179 0.21 -24.49 3.20
C THR A 179 1.63 -25.04 3.26
N SER A 180 2.28 -24.89 4.41
CA SER A 180 3.60 -25.48 4.61
C SER A 180 3.51 -27.00 4.48
N GLU A 181 2.56 -27.59 5.21
CA GLU A 181 2.35 -29.03 5.13
C GLU A 181 2.01 -29.46 3.71
N ASN A 182 1.20 -28.66 3.01
CA ASN A 182 0.87 -28.98 1.63
C ASN A 182 2.10 -29.07 0.74
N VAL A 183 3.03 -28.14 0.92
CA VAL A 183 4.25 -28.12 0.15
C VAL A 183 5.12 -29.33 0.48
N ALA A 184 5.29 -29.60 1.77
CA ALA A 184 6.12 -30.73 2.18
C ALA A 184 5.57 -32.05 1.64
N GLN A 185 4.25 -32.20 1.72
N GLN A 185 4.26 -32.23 1.74
CA GLN A 185 3.60 -33.42 1.24
CA GLN A 185 3.63 -33.46 1.27
C GLN A 185 3.64 -33.55 -0.28
C GLN A 185 3.67 -33.58 -0.25
N ARG A 186 3.25 -32.50 -0.99
N ARG A 186 3.28 -32.52 -0.92
CA ARG A 186 3.21 -32.54 -2.44
CA ARG A 186 3.21 -32.51 -2.39
C ARG A 186 4.58 -32.74 -3.07
C ARG A 186 4.58 -32.75 -3.03
N PHE A 187 5.60 -32.10 -2.50
CA PHE A 187 6.93 -32.15 -3.11
C PHE A 187 7.93 -33.04 -2.39
N GLY A 188 7.48 -33.74 -1.36
CA GLY A 188 8.32 -34.72 -0.69
C GLY A 188 9.50 -34.12 0.07
N VAL A 189 9.24 -33.10 0.88
CA VAL A 189 10.27 -32.53 1.73
C VAL A 189 10.20 -33.15 3.10
N SER A 190 11.24 -33.89 3.46
CA SER A 190 11.22 -34.66 4.69
C SER A 190 11.38 -33.81 5.95
N ARG A 191 11.01 -34.39 7.09
CA ARG A 191 11.24 -33.74 8.38
C ARG A 191 12.73 -33.40 8.59
N GLN A 192 13.62 -34.33 8.27
CA GLN A 192 15.05 -34.05 8.47
C GLN A 192 15.55 -32.91 7.58
N GLU A 193 15.12 -32.87 6.32
CA GLU A 193 15.54 -31.76 5.45
C GLU A 193 15.08 -30.43 6.05
N GLN A 194 13.86 -30.40 6.56
CA GLN A 194 13.32 -29.18 7.15
C GLN A 194 14.10 -28.77 8.38
N ASP A 195 14.31 -29.71 9.28
CA ASP A 195 15.05 -29.42 10.48
C ASP A 195 16.51 -29.05 10.17
N GLN A 196 17.12 -29.69 9.17
CA GLN A 196 18.50 -29.36 8.83
C GLN A 196 18.59 -27.90 8.38
N ALA A 197 17.60 -27.44 7.62
CA ALA A 197 17.63 -26.05 7.18
C ALA A 197 17.58 -25.11 8.37
N ALA A 198 16.78 -25.47 9.38
CA ALA A 198 16.70 -24.66 10.59
C ALA A 198 18.04 -24.67 11.34
N VAL A 199 18.66 -25.84 11.47
CA VAL A 199 19.96 -25.92 12.13
C VAL A 199 20.93 -25.00 11.42
N ASP A 200 20.92 -25.06 10.08
CA ASP A 200 21.83 -24.24 9.27
C ASP A 200 21.58 -22.75 9.49
N SER A 201 20.32 -22.36 9.52
CA SER A 201 19.96 -20.98 9.74
C SER A 201 20.52 -20.42 11.06
N HIS A 202 20.34 -21.16 12.16
CA HIS A 202 20.86 -20.72 13.44
C HIS A 202 22.39 -20.69 13.45
N ARG A 203 23.02 -21.71 12.85
N ARG A 203 23.01 -21.70 12.83
CA ARG A 203 24.48 -21.74 12.78
CA ARG A 203 24.47 -21.76 12.78
C ARG A 203 24.99 -20.50 12.06
C ARG A 203 25.05 -20.57 12.01
N LYS A 204 24.46 -20.25 10.87
CA LYS A 204 24.91 -19.12 10.07
C LYS A 204 24.62 -17.78 10.71
N ALA A 205 23.46 -17.66 11.37
CA ALA A 205 23.11 -16.42 12.03
C ALA A 205 24.02 -16.15 13.23
N ALA A 206 24.29 -17.20 14.00
CA ALA A 206 25.20 -17.06 15.13
C ALA A 206 26.60 -16.68 14.66
N ALA A 207 27.08 -17.33 13.61
CA ALA A 207 28.42 -17.05 13.08
C ALA A 207 28.51 -15.63 12.55
N ALA A 208 27.47 -15.19 11.84
CA ALA A 208 27.50 -13.85 11.25
C ALA A 208 27.49 -12.79 12.32
N THR A 209 26.68 -12.99 13.35
CA THR A 209 26.60 -12.06 14.46
C THR A 209 27.97 -11.93 15.13
N ALA A 210 28.59 -13.06 15.42
CA ALA A 210 29.88 -13.08 16.11
C ALA A 210 30.98 -12.47 15.27
N ALA A 211 30.87 -12.62 13.95
CA ALA A 211 31.85 -12.09 13.03
C ALA A 211 31.68 -10.60 12.75
N GLY A 212 30.67 -9.98 13.36
CA GLY A 212 30.40 -8.57 13.16
C GLY A 212 29.68 -8.22 11.88
N LYS A 213 29.13 -9.23 11.21
CA LYS A 213 28.55 -9.02 9.88
C LYS A 213 27.22 -8.27 9.88
N PHE A 214 26.57 -8.15 11.04
CA PHE A 214 25.33 -7.37 11.14
C PHE A 214 25.54 -5.96 11.70
N LYS A 215 26.78 -5.64 12.08
CA LYS A 215 27.05 -4.36 12.71
C LYS A 215 26.70 -3.19 11.82
N ASP A 216 27.08 -3.26 10.54
CA ASP A 216 26.81 -2.15 9.64
C ASP A 216 25.31 -1.98 9.41
N GLU A 217 24.59 -3.06 9.16
CA GLU A 217 23.18 -2.89 8.86
C GLU A 217 22.33 -2.51 10.08
N ILE A 218 22.69 -3.03 11.25
CA ILE A 218 21.87 -2.81 12.45
C ILE A 218 22.03 -1.43 13.08
N ILE A 219 20.88 -0.82 13.35
CA ILE A 219 20.76 0.39 14.14
C ILE A 219 20.29 -0.02 15.52
N PRO A 220 21.15 0.15 16.53
CA PRO A 220 20.72 -0.22 17.88
C PRO A 220 19.53 0.60 18.32
N VAL A 221 18.61 -0.01 19.07
CA VAL A 221 17.42 0.68 19.52
C VAL A 221 17.41 0.83 21.02
N LYS A 222 17.29 2.06 21.50
N LYS A 222 17.28 2.06 21.49
CA LYS A 222 17.21 2.31 22.94
CA LYS A 222 17.16 2.34 22.91
C LYS A 222 15.75 2.32 23.40
C LYS A 222 15.70 2.26 23.31
N THR A 223 15.39 1.33 24.22
CA THR A 223 14.02 1.15 24.63
C THR A 223 13.96 0.70 26.09
N LYS A 224 12.88 0.04 26.50
CA LYS A 224 12.78 -0.45 27.88
C LYS A 224 12.03 -1.76 27.97
N LEU A 225 12.23 -2.43 29.10
CA LEU A 225 11.48 -3.64 29.41
C LEU A 225 10.64 -3.41 30.64
N VAL A 226 9.41 -3.89 30.61
CA VAL A 226 8.50 -3.74 31.73
C VAL A 226 8.21 -5.10 32.31
N ASP A 227 8.49 -5.26 33.59
CA ASP A 227 8.20 -6.53 34.26
C ASP A 227 6.71 -6.59 34.52
N PRO A 228 6.05 -7.62 33.97
CA PRO A 228 4.61 -7.77 34.22
C PRO A 228 4.36 -8.23 35.65
N LYS A 229 5.28 -9.02 36.19
CA LYS A 229 5.16 -9.52 37.56
C LYS A 229 5.21 -8.37 38.57
N THR A 230 6.19 -7.48 38.40
CA THR A 230 6.44 -6.44 39.39
C THR A 230 5.97 -5.04 38.95
N GLY A 231 6.05 -4.77 37.65
CA GLY A 231 5.70 -3.46 37.13
C GLY A 231 6.94 -2.59 36.93
N ASP A 232 8.08 -3.10 37.39
CA ASP A 232 9.34 -2.38 37.27
C ASP A 232 9.73 -2.19 35.81
N GLU A 233 10.30 -1.04 35.49
CA GLU A 233 10.84 -0.79 34.16
C GLU A 233 12.35 -0.63 34.23
N LYS A 234 13.04 -1.06 33.18
CA LYS A 234 14.48 -0.82 33.08
C LYS A 234 14.83 -0.56 31.62
N PRO A 235 15.80 0.33 31.39
CA PRO A 235 16.17 0.62 30.01
C PRO A 235 16.98 -0.53 29.43
N ILE A 236 16.95 -0.66 28.11
CA ILE A 236 17.80 -1.60 27.44
C ILE A 236 18.15 -1.06 26.07
N THR A 237 19.38 -1.27 25.63
CA THR A 237 19.76 -0.99 24.26
C THR A 237 19.87 -2.30 23.52
N VAL A 238 19.09 -2.43 22.45
CA VAL A 238 19.00 -3.69 21.73
C VAL A 238 19.84 -3.62 20.45
N SER A 239 20.79 -4.54 20.30
CA SER A 239 21.73 -4.51 19.18
C SER A 239 21.86 -5.83 18.43
N VAL A 240 21.33 -6.89 19.01
CA VAL A 240 21.46 -8.20 18.41
C VAL A 240 20.09 -8.86 18.26
N ASP A 241 19.97 -9.75 17.27
CA ASP A 241 18.74 -10.46 17.03
C ASP A 241 18.57 -11.53 18.09
N ASP A 242 17.54 -11.40 18.93
CA ASP A 242 17.48 -12.23 20.14
C ASP A 242 16.85 -13.60 19.96
N GLY A 243 16.49 -13.94 18.72
CA GLY A 243 15.88 -15.23 18.45
C GLY A 243 16.87 -16.33 18.11
N ILE A 244 18.13 -15.98 17.90
CA ILE A 244 19.14 -16.97 17.51
C ILE A 244 19.40 -17.94 18.66
N ARG A 245 19.42 -19.24 18.36
CA ARG A 245 19.63 -20.26 19.38
C ARG A 245 20.76 -21.17 18.96
N PRO A 246 21.97 -20.90 19.50
CA PRO A 246 23.18 -21.61 19.05
C PRO A 246 23.15 -23.10 19.38
N THR A 247 22.28 -23.49 20.30
CA THR A 247 22.19 -24.90 20.70
C THR A 247 21.23 -25.71 19.82
N THR A 248 20.68 -25.11 18.78
CA THR A 248 19.76 -25.81 17.88
C THR A 248 20.45 -26.93 17.10
N THR A 249 19.92 -28.14 17.22
CA THR A 249 20.47 -29.31 16.55
C THR A 249 19.35 -30.14 15.94
N LEU A 250 19.69 -31.13 15.13
CA LEU A 250 18.65 -32.03 14.62
C LEU A 250 17.93 -32.69 15.77
N ALA A 251 18.67 -33.06 16.81
CA ALA A 251 18.08 -33.73 17.96
C ALA A 251 17.07 -32.85 18.71
N SER A 252 17.43 -31.59 18.98
CA SER A 252 16.52 -30.71 19.68
C SER A 252 15.27 -30.41 18.84
N LEU A 253 15.48 -30.15 17.55
CA LEU A 253 14.36 -29.88 16.65
C LEU A 253 13.47 -31.11 16.50
N GLY A 254 14.06 -32.30 16.59
CA GLY A 254 13.33 -33.53 16.43
C GLY A 254 12.31 -33.82 17.52
N LYS A 255 12.51 -33.19 18.68
CA LYS A 255 11.61 -33.38 19.83
C LYS A 255 10.34 -32.54 19.71
N LEU A 256 10.37 -31.54 18.83
CA LEU A 256 9.22 -30.65 18.71
C LEU A 256 8.07 -31.36 17.99
N LYS A 257 6.84 -31.00 18.36
CA LYS A 257 5.67 -31.61 17.76
C LYS A 257 5.11 -30.77 16.62
N PRO A 258 4.50 -31.43 15.63
CA PRO A 258 3.81 -30.72 14.53
C PRO A 258 2.78 -29.76 15.10
N VAL A 259 2.69 -28.57 14.52
CA VAL A 259 1.78 -27.56 15.01
C VAL A 259 0.41 -27.58 14.30
N PHE A 260 0.40 -27.97 13.04
CA PHE A 260 -0.79 -27.84 12.20
C PHE A 260 -1.41 -29.16 11.74
N LYS A 261 -0.67 -30.26 11.84
CA LYS A 261 -1.15 -31.53 11.34
C LYS A 261 -0.60 -32.69 12.15
N LYS A 262 -1.49 -33.55 12.63
CA LYS A 262 -1.13 -34.64 13.54
C LYS A 262 0.12 -35.41 13.13
N ASP A 263 0.16 -35.87 11.88
CA ASP A 263 1.31 -36.62 11.38
C ASP A 263 2.20 -35.72 10.52
N GLY A 264 2.14 -34.42 10.80
CA GLY A 264 2.80 -33.43 9.95
C GLY A 264 4.29 -33.29 10.21
N THR A 265 4.92 -32.40 9.47
CA THR A 265 6.34 -32.13 9.65
C THR A 265 6.66 -30.68 9.98
N THR A 266 5.65 -29.81 9.92
CA THR A 266 5.88 -28.40 10.22
C THR A 266 5.79 -28.16 11.73
N THR A 267 6.87 -27.62 12.30
CA THR A 267 6.92 -27.33 13.72
C THR A 267 7.30 -25.87 13.97
N ALA A 268 7.25 -25.44 15.22
CA ALA A 268 7.74 -24.10 15.54
C ALA A 268 9.22 -23.97 15.15
N GLY A 269 9.98 -25.06 15.26
CA GLY A 269 11.41 -25.02 15.04
C GLY A 269 11.85 -24.97 13.59
N ASN A 270 10.97 -25.35 12.66
CA ASN A 270 11.30 -25.23 11.23
C ASN A 270 10.39 -24.26 10.51
N SER A 271 9.82 -23.31 11.27
CA SER A 271 9.03 -22.21 10.74
C SER A 271 9.72 -20.91 11.12
N SER A 272 9.44 -19.84 10.38
CA SER A 272 9.93 -18.53 10.79
C SER A 272 9.48 -18.21 12.21
N GLN A 273 10.29 -17.40 12.92
CA GLN A 273 9.87 -16.87 14.20
C GLN A 273 8.95 -15.67 14.06
N VAL A 274 8.04 -15.55 15.02
CA VAL A 274 7.14 -14.41 15.15
C VAL A 274 7.95 -13.31 15.83
N SER A 275 8.04 -12.16 15.19
CA SER A 275 9.06 -11.18 15.57
C SER A 275 8.62 -9.73 15.41
N ASP A 276 9.39 -8.83 16.04
CA ASP A 276 9.20 -7.40 15.96
C ASP A 276 10.43 -6.76 15.34
N GLY A 277 10.26 -5.77 14.48
CA GLY A 277 11.41 -5.08 13.91
C GLY A 277 11.04 -4.19 12.75
N ALA A 278 12.05 -3.51 12.21
CA ALA A 278 11.84 -2.62 11.08
C ALA A 278 13.09 -2.53 10.22
N GLY A 279 12.92 -2.11 8.98
CA GLY A 279 14.04 -1.89 8.07
C GLY A 279 13.72 -0.69 7.20
N ALA A 280 14.76 -0.06 6.67
CA ALA A 280 14.54 1.10 5.81
C ALA A 280 15.68 1.27 4.83
N VAL A 281 15.33 1.73 3.63
CA VAL A 281 16.26 1.84 2.53
C VAL A 281 16.08 3.21 1.91
N LEU A 282 17.19 3.93 1.71
CA LEU A 282 17.15 5.25 1.06
C LEU A 282 17.58 5.11 -0.41
N LEU A 283 16.67 5.47 -1.30
CA LEU A 283 16.91 5.34 -2.74
C LEU A 283 16.86 6.70 -3.42
N MET A 284 17.65 6.85 -4.48
CA MET A 284 17.63 8.08 -5.26
C MET A 284 18.18 7.85 -6.66
N LYS A 285 17.92 8.78 -7.57
CA LYS A 285 18.55 8.75 -8.88
C LYS A 285 20.05 8.79 -8.72
N ARG A 286 20.76 8.03 -9.54
CA ARG A 286 22.22 8.01 -9.48
C ARG A 286 22.81 9.40 -9.59
N SER A 287 22.27 10.21 -10.49
CA SER A 287 22.78 11.55 -10.72
C SER A 287 22.70 12.41 -9.44
N VAL A 288 21.64 12.20 -8.66
CA VAL A 288 21.47 12.91 -7.40
C VAL A 288 22.49 12.44 -6.35
N ALA A 289 22.66 11.12 -6.22
CA ALA A 289 23.70 10.58 -5.36
C ALA A 289 25.07 11.15 -5.70
N MET A 290 25.34 11.22 -6.99
CA MET A 290 26.65 11.70 -7.45
C MET A 290 26.85 13.18 -7.11
N GLN A 291 25.83 13.98 -7.36
CA GLN A 291 25.89 15.39 -7.03
C GLN A 291 26.14 15.58 -5.53
N LYS A 292 25.56 14.70 -4.72
CA LYS A 292 25.70 14.78 -3.27
C LYS A 292 26.95 14.08 -2.71
N GLY A 293 27.67 13.41 -3.59
CA GLY A 293 28.88 12.69 -3.20
C GLY A 293 28.61 11.51 -2.28
N LEU A 294 27.43 10.89 -2.44
CA LEU A 294 27.05 9.73 -1.62
C LEU A 294 27.50 8.41 -2.25
N PRO A 295 28.26 7.61 -1.50
CA PRO A 295 28.67 6.31 -2.02
C PRO A 295 27.46 5.42 -2.29
N VAL A 296 27.48 4.75 -3.43
CA VAL A 296 26.37 3.86 -3.82
C VAL A 296 26.55 2.47 -3.21
N LEU A 297 25.55 2.03 -2.44
CA LEU A 297 25.59 0.70 -1.84
C LEU A 297 25.07 -0.35 -2.82
N GLY A 298 24.05 0.00 -3.58
CA GLY A 298 23.50 -0.94 -4.55
C GLY A 298 22.69 -0.24 -5.62
N VAL A 299 22.32 -0.98 -6.66
CA VAL A 299 21.48 -0.46 -7.72
C VAL A 299 20.27 -1.37 -7.84
N PHE A 300 19.10 -0.78 -7.84
CA PHE A 300 17.90 -1.56 -8.05
C PHE A 300 17.82 -1.93 -9.53
N ARG A 301 17.56 -3.20 -9.83
CA ARG A 301 17.43 -3.61 -11.23
C ARG A 301 16.01 -3.98 -11.62
N THR A 302 15.46 -5.03 -11.04
CA THR A 302 14.14 -5.51 -11.44
C THR A 302 13.32 -5.99 -10.25
N PHE A 303 12.01 -6.06 -10.47
CA PHE A 303 11.10 -6.57 -9.46
C PHE A 303 10.00 -7.34 -10.15
N ALA A 304 9.63 -8.48 -9.57
CA ALA A 304 8.50 -9.26 -10.02
C ALA A 304 7.62 -9.64 -8.83
N ALA A 305 6.31 -9.55 -9.03
CA ALA A 305 5.35 -10.08 -8.07
C ALA A 305 4.33 -10.88 -8.87
N VAL A 306 4.28 -12.18 -8.57
CA VAL A 306 3.49 -13.12 -9.35
C VAL A 306 2.53 -13.88 -8.46
N GLY A 307 1.40 -14.30 -9.02
CA GLY A 307 0.47 -15.14 -8.28
C GLY A 307 0.74 -16.62 -8.47
N VAL A 308 0.49 -17.40 -7.41
CA VAL A 308 0.59 -18.85 -7.43
C VAL A 308 -0.61 -19.44 -6.66
N ASP A 309 -0.74 -20.75 -6.67
CA ASP A 309 -1.83 -21.42 -5.97
C ASP A 309 -1.79 -21.08 -4.48
N PRO A 310 -2.85 -20.44 -3.94
CA PRO A 310 -2.83 -20.12 -2.52
C PRO A 310 -2.58 -21.33 -1.62
N ALA A 311 -3.03 -22.52 -2.03
CA ALA A 311 -2.86 -23.71 -1.19
C ALA A 311 -1.41 -24.12 -1.02
N ILE A 312 -0.55 -23.70 -1.94
CA ILE A 312 0.88 -23.95 -1.82
C ILE A 312 1.67 -22.66 -2.02
N MET A 313 1.28 -21.64 -1.27
CA MET A 313 1.84 -20.30 -1.48
C MET A 313 3.36 -20.30 -1.35
N GLY A 314 3.89 -21.24 -0.59
CA GLY A 314 5.33 -21.32 -0.37
C GLY A 314 6.17 -21.46 -1.63
N ILE A 315 5.56 -21.89 -2.73
CA ILE A 315 6.29 -21.99 -4.00
C ILE A 315 6.58 -20.64 -4.63
N GLY A 316 6.05 -19.56 -4.06
CA GLY A 316 6.24 -18.23 -4.63
C GLY A 316 7.60 -17.94 -5.27
N PRO A 317 8.70 -18.09 -4.49
CA PRO A 317 10.03 -17.77 -5.04
C PRO A 317 10.43 -18.61 -6.25
N ALA A 318 9.93 -19.84 -6.36
CA ALA A 318 10.28 -20.67 -7.50
C ALA A 318 9.76 -20.08 -8.80
N VAL A 319 8.72 -19.24 -8.70
CA VAL A 319 8.17 -18.57 -9.87
C VAL A 319 8.67 -17.13 -9.97
N ALA A 320 8.76 -16.43 -8.85
CA ALA A 320 9.12 -15.02 -8.88
C ALA A 320 10.60 -14.80 -9.22
N ILE A 321 11.48 -15.66 -8.72
CA ILE A 321 12.91 -15.47 -8.96
C ILE A 321 13.22 -15.57 -10.45
N PRO A 322 12.75 -16.62 -11.13
CA PRO A 322 12.97 -16.66 -12.57
C PRO A 322 12.42 -15.43 -13.28
N ALA A 323 11.25 -14.95 -12.85
CA ALA A 323 10.65 -13.80 -13.52
C ALA A 323 11.54 -12.56 -13.37
N ALA A 324 12.02 -12.32 -12.16
CA ALA A 324 12.82 -11.10 -11.94
C ALA A 324 14.18 -11.20 -12.62
N VAL A 325 14.75 -12.39 -12.61
CA VAL A 325 16.06 -12.62 -13.20
C VAL A 325 15.98 -12.49 -14.71
N LYS A 326 14.94 -13.08 -15.30
CA LYS A 326 14.71 -12.95 -16.74
C LYS A 326 14.51 -11.48 -17.13
N ALA A 327 13.73 -10.75 -16.32
CA ALA A 327 13.51 -9.33 -16.62
C ALA A 327 14.82 -8.52 -16.64
N ALA A 328 15.80 -9.00 -15.88
CA ALA A 328 17.09 -8.32 -15.78
C ALA A 328 18.04 -8.72 -16.90
N GLY A 329 17.61 -9.64 -17.76
CA GLY A 329 18.43 -10.12 -18.86
C GLY A 329 19.42 -11.17 -18.40
N LEU A 330 19.23 -11.70 -17.19
CA LEU A 330 20.15 -12.67 -16.61
C LEU A 330 19.61 -14.10 -16.54
N GLU A 331 20.49 -15.03 -16.17
CA GLU A 331 20.13 -16.41 -15.89
C GLU A 331 20.35 -16.66 -14.40
N LEU A 332 19.78 -17.73 -13.87
CA LEU A 332 19.93 -18.00 -12.43
C LEU A 332 21.40 -18.07 -12.01
N ASP A 333 22.24 -18.67 -12.87
CA ASP A 333 23.66 -18.80 -12.56
C ASP A 333 24.38 -17.47 -12.40
N ASP A 334 23.77 -16.40 -12.88
CA ASP A 334 24.39 -15.08 -12.82
C ASP A 334 24.17 -14.38 -11.50
N ILE A 335 23.30 -14.93 -10.66
CA ILE A 335 23.01 -14.35 -9.36
C ILE A 335 24.01 -14.91 -8.36
N ASP A 336 24.66 -14.01 -7.63
CA ASP A 336 25.75 -14.40 -6.75
C ASP A 336 25.34 -14.59 -5.30
N LEU A 337 24.21 -14.00 -4.92
CA LEU A 337 23.77 -14.06 -3.53
C LEU A 337 22.25 -13.97 -3.48
N PHE A 338 21.64 -14.73 -2.59
CA PHE A 338 20.18 -14.73 -2.41
C PHE A 338 19.79 -14.49 -0.96
N GLU A 339 18.75 -13.70 -0.76
CA GLU A 339 18.02 -13.67 0.50
C GLU A 339 16.61 -14.21 0.18
N ILE A 340 16.40 -15.50 0.45
CA ILE A 340 15.10 -16.12 0.23
C ILE A 340 14.48 -16.37 1.59
N ASN A 341 13.34 -15.75 1.87
CA ASN A 341 12.86 -15.78 3.22
C ASN A 341 12.54 -17.19 3.68
N GLU A 342 12.92 -17.49 4.91
CA GLU A 342 12.62 -18.78 5.51
C GLU A 342 11.26 -18.77 6.20
N ALA A 343 10.19 -18.62 5.43
CA ALA A 343 8.86 -18.64 6.03
C ALA A 343 8.64 -20.00 6.68
N PHE A 344 8.91 -21.06 5.92
CA PHE A 344 8.91 -22.43 6.43
C PHE A 344 10.03 -23.18 5.74
N ALA A 345 10.73 -24.02 6.49
CA ALA A 345 11.76 -24.84 5.89
C ALA A 345 11.22 -25.64 4.73
N SER A 346 9.98 -26.12 4.84
CA SER A 346 9.38 -26.90 3.76
C SER A 346 9.49 -26.18 2.43
N GLN A 347 9.00 -24.95 2.38
CA GLN A 347 8.97 -24.20 1.12
C GLN A 347 10.32 -23.61 0.74
N PHE A 348 11.11 -23.27 1.75
CA PHE A 348 12.45 -22.77 1.48
C PHE A 348 13.26 -23.86 0.78
N VAL A 349 13.26 -25.06 1.35
CA VAL A 349 13.97 -26.18 0.74
C VAL A 349 13.42 -26.48 -0.64
N TYR A 350 12.10 -26.50 -0.78
CA TYR A 350 11.53 -26.79 -2.09
C TYR A 350 12.03 -25.78 -3.14
N CYS A 351 11.97 -24.50 -2.82
CA CYS A 351 12.33 -23.48 -3.79
C CYS A 351 13.79 -23.58 -4.18
N ARG A 352 14.65 -23.80 -3.18
CA ARG A 352 16.07 -23.93 -3.43
C ARG A 352 16.33 -25.10 -4.38
N ASN A 353 15.71 -26.24 -4.11
CA ASN A 353 15.90 -27.40 -4.96
C ASN A 353 15.29 -27.23 -6.35
N LYS A 354 14.07 -26.68 -6.40
CA LYS A 354 13.38 -26.51 -7.66
C LYS A 354 14.20 -25.65 -8.61
N LEU A 355 14.80 -24.58 -8.07
CA LEU A 355 15.59 -23.66 -8.89
C LEU A 355 17.02 -24.13 -9.10
N GLY A 356 17.41 -25.20 -8.40
CA GLY A 356 18.76 -25.74 -8.51
C GLY A 356 19.85 -24.82 -8.01
N LEU A 357 19.54 -24.01 -6.99
CA LEU A 357 20.49 -23.01 -6.51
C LEU A 357 21.54 -23.60 -5.59
N ASP A 358 22.72 -23.00 -5.63
CA ASP A 358 23.81 -23.36 -4.74
C ASP A 358 23.45 -22.96 -3.30
N PRO A 359 23.30 -23.94 -2.40
CA PRO A 359 22.94 -23.62 -1.00
C PRO A 359 23.90 -22.64 -0.35
N GLU A 360 25.15 -22.61 -0.81
CA GLU A 360 26.15 -21.74 -0.23
C GLU A 360 25.97 -20.27 -0.63
N LYS A 361 25.03 -20.01 -1.53
CA LYS A 361 24.77 -18.63 -1.99
C LYS A 361 23.51 -18.05 -1.36
N ILE A 362 22.87 -18.81 -0.46
CA ILE A 362 21.56 -18.41 0.07
C ILE A 362 21.58 -18.18 1.57
N ASN A 363 21.03 -17.03 1.97
CA ASN A 363 20.92 -16.67 3.39
C ASN A 363 22.23 -16.98 4.12
N VAL A 364 23.32 -16.41 3.62
CA VAL A 364 24.65 -16.78 4.11
C VAL A 364 24.91 -16.35 5.55
N ASN A 365 24.14 -15.38 6.03
CA ASN A 365 24.20 -14.95 7.42
C ASN A 365 23.00 -15.42 8.25
N GLY A 366 22.35 -16.46 7.77
CA GLY A 366 21.19 -17.00 8.45
C GLY A 366 19.92 -16.36 7.94
N GLY A 367 18.77 -16.88 8.37
CA GLY A 367 17.50 -16.35 7.93
C GLY A 367 16.42 -16.39 9.00
N ALA A 368 15.18 -16.26 8.56
CA ALA A 368 14.05 -16.01 9.47
C ALA A 368 13.78 -17.10 10.50
N MET A 369 14.23 -18.32 10.23
CA MET A 369 14.05 -19.37 11.24
C MET A 369 14.87 -19.07 12.50
N ALA A 370 16.00 -18.37 12.30
CA ALA A 370 16.90 -18.01 13.40
C ALA A 370 16.74 -16.57 13.88
N ILE A 371 16.56 -15.63 12.95
CA ILE A 371 16.51 -14.23 13.38
C ILE A 371 15.13 -13.62 13.32
N GLY A 372 14.18 -14.32 12.71
CA GLY A 372 12.79 -13.90 12.81
C GLY A 372 12.22 -13.25 11.57
N HIS A 373 10.89 -13.09 11.60
CA HIS A 373 10.15 -12.64 10.41
C HIS A 373 9.03 -11.71 10.88
N PRO A 374 9.39 -10.46 11.25
CA PRO A 374 8.34 -9.46 11.45
C PRO A 374 7.80 -9.13 10.06
N LEU A 375 6.59 -9.57 9.76
CA LEU A 375 6.12 -9.69 8.38
C LEU A 375 6.52 -8.53 7.47
N GLY A 376 6.05 -7.32 7.78
CA GLY A 376 6.34 -6.17 6.93
C GLY A 376 7.81 -5.79 6.90
N ALA A 377 8.52 -6.02 7.99
CA ALA A 377 9.94 -5.65 8.04
C ALA A 377 10.83 -6.50 7.13
N THR A 378 10.50 -7.78 6.98
CA THR A 378 11.41 -8.72 6.34
C THR A 378 11.91 -8.29 4.96
N GLY A 379 11.00 -7.92 4.07
CA GLY A 379 11.38 -7.56 2.72
C GLY A 379 12.31 -6.36 2.65
N ALA A 380 12.13 -5.40 3.56
CA ALA A 380 13.02 -4.24 3.58
C ALA A 380 14.34 -4.57 4.29
N ARG A 381 14.25 -5.24 5.44
CA ARG A 381 15.50 -5.56 6.14
C ARG A 381 16.42 -6.48 5.33
N CYS A 382 15.82 -7.38 4.56
CA CYS A 382 16.61 -8.28 3.71
C CYS A 382 17.39 -7.54 2.63
N VAL A 383 16.89 -6.39 2.18
CA VAL A 383 17.65 -5.60 1.23
C VAL A 383 18.94 -5.13 1.91
N ALA A 384 18.84 -4.74 3.17
CA ALA A 384 20.04 -4.35 3.93
C ALA A 384 20.99 -5.54 4.10
N THR A 385 20.45 -6.68 4.52
CA THR A 385 21.29 -7.86 4.74
C THR A 385 22.00 -8.27 3.46
N LEU A 386 21.26 -8.26 2.35
CA LEU A 386 21.82 -8.65 1.06
C LEU A 386 22.90 -7.69 0.63
N LEU A 387 22.58 -6.40 0.62
CA LEU A 387 23.54 -5.42 0.07
C LEU A 387 24.80 -5.29 0.91
N HIS A 388 24.67 -5.33 2.23
CA HIS A 388 25.87 -5.24 3.04
C HIS A 388 26.76 -6.47 2.87
N GLU A 389 26.16 -7.63 2.64
CA GLU A 389 26.95 -8.83 2.39
C GLU A 389 27.62 -8.76 1.02
N MET A 390 26.90 -8.28 0.01
CA MET A 390 27.48 -8.14 -1.33
C MET A 390 28.65 -7.17 -1.27
N LYS A 391 28.48 -6.10 -0.49
CA LYS A 391 29.53 -5.11 -0.28
C LYS A 391 30.80 -5.79 0.22
N ARG A 392 30.67 -6.59 1.28
N ARG A 392 30.66 -6.59 1.27
CA ARG A 392 31.83 -7.25 1.90
CA ARG A 392 31.80 -7.27 1.90
C ARG A 392 32.48 -8.29 0.99
C ARG A 392 32.48 -8.27 0.98
N ARG A 393 31.69 -8.94 0.14
CA ARG A 393 32.19 -10.01 -0.73
C ARG A 393 32.92 -9.50 -1.97
N GLY A 394 32.89 -8.19 -2.22
CA GLY A 394 33.65 -7.60 -3.30
C GLY A 394 32.96 -7.63 -4.66
N LYS A 395 33.66 -7.08 -5.66
CA LYS A 395 33.09 -6.87 -7.00
C LYS A 395 32.56 -8.13 -7.69
N ASP A 396 33.07 -9.30 -7.32
CA ASP A 396 32.61 -10.53 -7.96
C ASP A 396 31.21 -10.89 -7.52
N CYS A 397 30.81 -10.38 -6.36
CA CYS A 397 29.47 -10.64 -5.84
C CYS A 397 28.57 -9.54 -6.39
N ARG A 398 28.32 -9.62 -7.69
CA ARG A 398 27.74 -8.51 -8.42
C ARG A 398 26.23 -8.43 -8.38
N PHE A 399 25.56 -9.58 -8.41
CA PHE A 399 24.10 -9.60 -8.44
C PHE A 399 23.51 -10.36 -7.26
N GLY A 400 22.46 -9.79 -6.68
CA GLY A 400 21.80 -10.42 -5.55
C GLY A 400 20.29 -10.36 -5.71
N VAL A 401 19.59 -11.30 -5.08
CA VAL A 401 18.13 -11.38 -5.18
C VAL A 401 17.53 -11.42 -3.77
N VAL A 402 16.48 -10.64 -3.54
CA VAL A 402 15.64 -10.83 -2.36
C VAL A 402 14.33 -11.43 -2.86
N SER A 403 13.89 -12.51 -2.25
CA SER A 403 12.64 -13.14 -2.65
C SER A 403 11.92 -13.78 -1.47
N MET A 404 10.61 -13.87 -1.56
CA MET A 404 9.83 -14.54 -0.51
C MET A 404 8.51 -15.03 -1.05
N CYS A 405 8.00 -16.07 -0.41
CA CYS A 405 6.62 -16.49 -0.63
C CYS A 405 5.70 -15.52 0.09
N ILE A 406 4.44 -15.53 -0.31
CA ILE A 406 3.47 -14.56 0.14
C ILE A 406 2.14 -15.23 0.43
N GLY A 407 1.65 -15.05 1.65
CA GLY A 407 0.34 -15.57 2.00
C GLY A 407 -0.74 -15.16 1.01
N THR A 408 -1.68 -16.09 0.79
CA THR A 408 -2.73 -16.02 -0.22
C THR A 408 -2.26 -16.40 -1.62
N GLY A 409 -0.97 -16.74 -1.74
CA GLY A 409 -0.48 -17.31 -2.99
C GLY A 409 0.18 -16.33 -3.93
N MET A 410 1.32 -15.78 -3.50
CA MET A 410 2.14 -14.97 -4.39
C MET A 410 3.61 -15.22 -4.11
N GLY A 411 4.44 -14.74 -5.02
CA GLY A 411 5.87 -14.70 -4.81
C GLY A 411 6.36 -13.34 -5.26
N ALA A 412 7.38 -12.82 -4.59
CA ALA A 412 8.02 -11.59 -5.06
C ALA A 412 9.51 -11.82 -5.12
N ALA A 413 10.17 -11.10 -6.03
CA ALA A 413 11.61 -11.15 -6.09
C ALA A 413 12.13 -9.86 -6.69
N ALA A 414 13.29 -9.41 -6.22
CA ALA A 414 13.95 -8.26 -6.80
C ALA A 414 15.41 -8.57 -7.03
N VAL A 415 15.94 -8.07 -8.14
CA VAL A 415 17.35 -8.20 -8.44
C VAL A 415 18.04 -6.87 -8.14
N PHE A 416 19.16 -6.94 -7.42
CA PHE A 416 19.98 -5.80 -7.07
C PHE A 416 21.39 -6.01 -7.57
N GLU A 417 22.05 -4.90 -7.90
CA GLU A 417 23.43 -4.93 -8.35
C GLU A 417 24.31 -4.29 -7.29
N ARG A 418 25.49 -4.88 -7.05
CA ARG A 418 26.42 -4.34 -6.06
C ARG A 418 26.94 -2.95 -6.44
N GLY A 419 26.87 -2.02 -5.50
CA GLY A 419 27.43 -0.69 -5.68
C GLY A 419 28.94 -0.65 -5.47
N ASP A 420 29.57 0.40 -5.96
CA ASP A 420 31.03 0.51 -5.82
C ASP A 420 31.49 1.53 -4.79
N GLY A 421 30.55 2.12 -4.06
CA GLY A 421 30.86 3.12 -3.05
C GLY A 421 31.91 2.70 -2.03
N VAL A 422 31.80 1.47 -1.54
CA VAL A 422 32.70 0.97 -0.51
C VAL A 422 34.15 0.89 -1.02
N ASP A 423 34.31 0.52 -2.28
CA ASP A 423 35.64 0.34 -2.87
C ASP A 423 36.30 1.70 -3.07
N GLU A 424 35.52 2.66 -3.56
CA GLU A 424 36.01 4.02 -3.80
C GLU A 424 36.46 4.70 -2.52
N LEU A 425 35.74 4.46 -1.43
CA LEU A 425 36.12 4.99 -0.12
C LEU A 425 37.40 4.34 0.40
N ARG A 426 37.46 3.01 0.32
CA ARG A 426 38.58 2.25 0.85
C ARG A 426 39.89 2.58 0.13
N ASN A 427 39.78 2.78 -1.19
CA ASN A 427 40.97 3.05 -2.01
C ASN A 427 41.17 4.53 -2.31
N ALA A 428 40.48 5.40 -1.58
CA ALA A 428 40.60 6.84 -1.80
C ALA A 428 42.06 7.31 -1.67
N LEU B 27 0.27 11.10 -28.13
CA LEU B 27 0.26 9.71 -28.59
C LEU B 27 1.66 9.09 -28.64
N TYR B 28 2.50 9.45 -27.68
CA TYR B 28 3.75 8.74 -27.45
C TYR B 28 3.39 7.35 -26.92
N GLY B 29 4.05 6.33 -27.46
CA GLY B 29 3.70 4.95 -27.17
C GLY B 29 3.88 4.53 -25.72
N ASP B 30 4.71 5.27 -25.00
CA ASP B 30 5.00 4.95 -23.61
C ASP B 30 4.09 5.66 -22.62
N ASP B 31 3.20 6.52 -23.09
CA ASP B 31 2.27 7.20 -22.18
C ASP B 31 1.45 6.15 -21.45
N VAL B 32 1.11 6.41 -20.19
CA VAL B 32 0.20 5.54 -19.47
C VAL B 32 -1.23 5.99 -19.72
N VAL B 33 -2.04 5.14 -20.33
CA VAL B 33 -3.41 5.50 -20.67
C VAL B 33 -4.40 4.68 -19.85
N ILE B 34 -5.57 5.27 -19.69
CA ILE B 34 -6.69 4.62 -19.01
C ILE B 34 -7.61 4.16 -20.11
N VAL B 35 -7.86 2.86 -20.17
CA VAL B 35 -8.79 2.30 -21.15
C VAL B 35 -10.17 1.99 -20.59
N ALA B 36 -10.31 1.99 -19.27
CA ALA B 36 -11.61 1.83 -18.65
C ALA B 36 -11.55 2.34 -17.21
N ALA B 37 -12.64 2.92 -16.73
CA ALA B 37 -12.69 3.41 -15.36
C ALA B 37 -14.12 3.35 -14.91
N HIS B 38 -14.37 2.63 -13.81
CA HIS B 38 -15.73 2.36 -13.38
C HIS B 38 -15.85 2.38 -11.86
N ARG B 39 -17.08 2.43 -11.37
CA ARG B 39 -17.30 2.42 -9.93
C ARG B 39 -18.62 1.74 -9.62
N THR B 40 -18.76 1.26 -8.40
CA THR B 40 -20.06 0.85 -7.89
C THR B 40 -20.84 2.12 -7.57
N PRO B 41 -22.17 2.01 -7.43
CA PRO B 41 -22.82 3.08 -6.68
C PRO B 41 -22.15 3.23 -5.31
N LEU B 42 -22.27 4.40 -4.71
CA LEU B 42 -21.82 4.58 -3.34
C LEU B 42 -23.07 4.64 -2.48
N CYS B 43 -23.08 3.91 -1.37
CA CYS B 43 -24.26 3.86 -0.49
C CYS B 43 -23.95 4.20 0.96
N LYS B 44 -24.94 4.75 1.64
CA LYS B 44 -24.77 5.14 3.05
C LYS B 44 -24.42 3.95 3.91
N SER B 45 -23.39 4.10 4.73
N SER B 45 -23.40 4.11 4.75
CA SER B 45 -22.98 2.99 5.58
CA SER B 45 -22.96 3.02 5.61
C SER B 45 -24.05 2.70 6.62
C SER B 45 -24.00 2.71 6.69
N LYS B 46 -24.08 1.44 7.07
CA LYS B 46 -24.96 0.99 8.16
C LYS B 46 -26.45 0.93 7.82
N ARG B 47 -26.95 1.91 7.08
CA ARG B 47 -28.36 1.95 6.76
C ARG B 47 -28.66 1.88 5.26
N GLY B 48 -27.63 2.04 4.45
CA GLY B 48 -27.82 2.07 3.00
C GLY B 48 -27.81 0.72 2.33
N ASN B 49 -27.85 0.75 1.00
CA ASN B 49 -28.13 -0.45 0.22
C ASN B 49 -27.02 -1.49 0.18
N PHE B 50 -25.82 -1.12 0.63
CA PHE B 50 -24.72 -2.07 0.73
C PHE B 50 -24.46 -2.51 2.17
N LYS B 51 -25.38 -2.19 3.08
CA LYS B 51 -25.16 -2.52 4.49
C LYS B 51 -24.97 -4.01 4.75
N ASP B 52 -25.44 -4.85 3.85
CA ASP B 52 -25.33 -6.29 4.00
C ASP B 52 -24.41 -6.91 2.97
N THR B 53 -23.60 -6.05 2.34
CA THR B 53 -22.71 -6.49 1.27
C THR B 53 -21.27 -6.54 1.75
N TYR B 54 -20.62 -7.69 1.57
CA TYR B 54 -19.23 -7.85 1.96
C TYR B 54 -18.31 -7.03 1.08
N PRO B 55 -17.18 -6.59 1.63
CA PRO B 55 -16.23 -5.79 0.85
C PRO B 55 -15.79 -6.45 -0.46
N ASP B 56 -15.56 -7.77 -0.44
CA ASP B 56 -15.12 -8.45 -1.66
C ASP B 56 -16.19 -8.37 -2.77
N ASP B 57 -17.45 -8.30 -2.38
CA ASP B 57 -18.54 -8.20 -3.36
C ASP B 57 -18.76 -6.78 -3.85
N LEU B 58 -18.06 -5.81 -3.27
CA LEU B 58 -18.07 -4.46 -3.81
C LEU B 58 -16.97 -4.32 -4.85
N LEU B 59 -15.82 -4.93 -4.56
CA LEU B 59 -14.67 -4.83 -5.46
C LEU B 59 -14.79 -5.73 -6.69
N ALA B 60 -15.28 -6.95 -6.49
CA ALA B 60 -15.31 -7.89 -7.60
C ALA B 60 -16.04 -7.38 -8.84
N PRO B 61 -17.24 -6.78 -8.67
CA PRO B 61 -17.97 -6.30 -9.85
C PRO B 61 -17.20 -5.28 -10.69
N VAL B 62 -16.43 -4.40 -10.05
N VAL B 62 -16.44 -4.41 -10.05
CA VAL B 62 -15.71 -3.39 -10.84
CA VAL B 62 -15.71 -3.40 -10.81
C VAL B 62 -14.46 -3.98 -11.50
C VAL B 62 -14.50 -4.01 -11.51
N LEU B 63 -13.84 -4.96 -10.84
CA LEU B 63 -12.71 -5.65 -11.47
C LEU B 63 -13.21 -6.40 -12.70
N ARG B 64 -14.33 -7.10 -12.54
CA ARG B 64 -14.90 -7.86 -13.66
C ARG B 64 -15.27 -6.94 -14.82
N ALA B 65 -15.86 -5.79 -14.50
CA ALA B 65 -16.30 -4.86 -15.53
C ALA B 65 -15.12 -4.40 -16.38
N LEU B 66 -13.97 -4.17 -15.76
CA LEU B 66 -12.82 -3.66 -16.50
C LEU B 66 -12.39 -4.63 -17.59
N ILE B 67 -12.36 -5.91 -17.24
N ILE B 67 -12.38 -5.92 -17.27
CA ILE B 67 -12.00 -6.97 -18.17
CA ILE B 67 -11.93 -6.92 -18.24
C ILE B 67 -13.05 -7.10 -19.25
C ILE B 67 -13.03 -7.34 -19.23
N GLU B 68 -14.29 -7.28 -18.82
CA GLU B 68 -15.39 -7.56 -19.76
C GLU B 68 -15.50 -6.48 -20.82
N LYS B 69 -15.42 -5.24 -20.39
CA LYS B 69 -15.63 -4.12 -21.30
C LYS B 69 -14.50 -3.93 -22.31
N THR B 70 -13.32 -4.43 -21.97
CA THR B 70 -12.17 -4.35 -22.87
C THR B 70 -11.84 -5.70 -23.53
N ASN B 71 -12.60 -6.74 -23.20
CA ASN B 71 -12.33 -8.06 -23.76
C ASN B 71 -10.87 -8.48 -23.54
N LEU B 72 -10.36 -8.17 -22.35
CA LEU B 72 -8.99 -8.48 -22.00
C LEU B 72 -8.90 -9.77 -21.19
N ASN B 73 -8.03 -10.67 -21.61
N ASN B 73 -8.05 -10.69 -21.62
CA ASN B 73 -7.70 -11.84 -20.81
CA ASN B 73 -7.77 -11.87 -20.80
C ASN B 73 -7.11 -11.37 -19.48
C ASN B 73 -7.13 -11.40 -19.49
N PRO B 74 -7.74 -11.74 -18.35
CA PRO B 74 -7.26 -11.21 -17.07
C PRO B 74 -5.82 -11.60 -16.72
N SER B 75 -5.31 -12.70 -17.29
N SER B 75 -5.32 -12.69 -17.30
CA SER B 75 -3.94 -13.11 -17.04
CA SER B 75 -3.94 -13.11 -17.06
C SER B 75 -2.92 -12.09 -17.50
C SER B 75 -2.94 -12.03 -17.44
N GLU B 76 -3.34 -11.15 -18.36
CA GLU B 76 -2.43 -10.13 -18.88
C GLU B 76 -2.23 -8.95 -17.93
N VAL B 77 -3.03 -8.91 -16.86
CA VAL B 77 -2.93 -7.85 -15.88
C VAL B 77 -1.74 -8.10 -14.96
N GLY B 78 -0.86 -7.12 -14.85
CA GLY B 78 0.37 -7.29 -14.10
C GLY B 78 0.25 -7.16 -12.59
N ASP B 79 -0.72 -6.38 -12.13
CA ASP B 79 -0.98 -6.24 -10.69
C ASP B 79 -2.34 -5.61 -10.52
N ILE B 80 -2.97 -5.92 -9.41
CA ILE B 80 -4.17 -5.24 -8.95
C ILE B 80 -3.81 -4.53 -7.66
N VAL B 81 -3.85 -3.20 -7.69
CA VAL B 81 -3.45 -2.41 -6.53
C VAL B 81 -4.70 -1.73 -5.97
N VAL B 82 -5.03 -2.04 -4.72
CA VAL B 82 -6.28 -1.55 -4.12
C VAL B 82 -6.05 -0.60 -2.97
N GLY B 83 -6.49 0.63 -3.14
CA GLY B 83 -6.42 1.62 -2.07
C GLY B 83 -7.57 1.36 -1.11
N THR B 84 -7.25 1.17 0.16
CA THR B 84 -8.28 0.84 1.14
C THR B 84 -7.72 1.15 2.52
N VAL B 85 -8.56 1.67 3.42
CA VAL B 85 -8.04 2.39 4.59
C VAL B 85 -8.23 1.77 5.96
N LEU B 86 -9.46 1.32 6.27
CA LEU B 86 -9.83 1.11 7.68
C LEU B 86 -9.62 -0.28 8.26
N ALA B 87 -9.57 -1.30 7.42
CA ALA B 87 -9.58 -2.68 7.91
C ALA B 87 -8.19 -3.16 8.34
N PRO B 88 -8.14 -4.23 9.17
CA PRO B 88 -6.86 -4.88 9.47
C PRO B 88 -6.16 -5.23 8.15
N GLY B 89 -4.87 -4.94 8.06
CA GLY B 89 -4.21 -5.00 6.77
C GLY B 89 -4.26 -6.34 6.07
N SER B 90 -3.87 -7.40 6.77
CA SER B 90 -3.71 -8.70 6.13
C SER B 90 -5.05 -9.24 5.66
N GLN B 91 -6.04 -9.17 6.53
CA GLN B 91 -7.39 -9.61 6.20
C GLN B 91 -7.91 -8.92 4.95
N ARG B 92 -7.78 -7.61 4.88
CA ARG B 92 -8.29 -6.89 3.73
C ARG B 92 -7.49 -7.20 2.46
N ALA B 93 -6.17 -7.35 2.56
CA ALA B 93 -5.42 -7.80 1.38
C ALA B 93 -5.89 -9.18 0.91
N SER B 94 -6.22 -10.05 1.87
N SER B 94 -6.21 -10.06 1.86
CA SER B 94 -6.77 -11.36 1.53
CA SER B 94 -6.78 -11.37 1.55
C SER B 94 -8.11 -11.21 0.83
C SER B 94 -8.12 -11.23 0.85
N GLU B 95 -8.97 -10.36 1.38
CA GLU B 95 -10.27 -10.09 0.80
C GLU B 95 -10.16 -9.60 -0.63
N CYS B 96 -9.13 -8.80 -0.92
CA CYS B 96 -8.94 -8.29 -2.27
C CYS B 96 -8.54 -9.40 -3.23
N ARG B 97 -7.71 -10.34 -2.78
CA ARG B 97 -7.35 -11.49 -3.60
C ARG B 97 -8.60 -12.33 -3.87
N MET B 98 -9.41 -12.54 -2.84
CA MET B 98 -10.66 -13.26 -2.99
C MET B 98 -11.55 -12.56 -4.02
N ALA B 99 -11.67 -11.23 -3.93
CA ALA B 99 -12.48 -10.49 -4.89
C ALA B 99 -12.00 -10.71 -6.32
N ALA B 100 -10.68 -10.69 -6.50
CA ALA B 100 -10.14 -10.89 -7.84
C ALA B 100 -10.53 -12.28 -8.38
N PHE B 101 -10.49 -13.29 -7.51
CA PHE B 101 -10.96 -14.62 -7.91
C PHE B 101 -12.45 -14.59 -8.29
N TYR B 102 -13.27 -13.92 -7.48
CA TYR B 102 -14.71 -13.84 -7.78
C TYR B 102 -14.92 -13.21 -9.15
N ALA B 103 -14.06 -12.24 -9.48
CA ALA B 103 -14.15 -11.48 -10.72
C ALA B 103 -13.69 -12.27 -11.95
N GLY B 104 -13.11 -13.45 -11.71
CA GLY B 104 -12.66 -14.29 -12.81
C GLY B 104 -11.18 -14.19 -13.14
N PHE B 105 -10.41 -13.52 -12.27
CA PHE B 105 -8.96 -13.45 -12.47
C PHE B 105 -8.31 -14.77 -12.07
N PRO B 106 -7.26 -15.17 -12.81
CA PRO B 106 -6.57 -16.41 -12.48
C PRO B 106 -5.58 -16.22 -11.33
N GLU B 107 -5.08 -17.33 -10.81
CA GLU B 107 -4.20 -17.29 -9.63
C GLU B 107 -2.90 -16.56 -9.92
N THR B 108 -2.55 -16.44 -11.19
CA THR B 108 -1.28 -15.85 -11.56
C THR B 108 -1.23 -14.33 -11.41
N VAL B 109 -2.38 -13.69 -11.26
CA VAL B 109 -2.40 -12.23 -11.16
C VAL B 109 -2.26 -11.81 -9.70
N ALA B 110 -1.20 -11.08 -9.41
CA ALA B 110 -0.93 -10.62 -8.04
C ALA B 110 -1.83 -9.47 -7.64
N VAL B 111 -1.96 -9.27 -6.34
N VAL B 111 -1.96 -9.28 -6.33
CA VAL B 111 -2.77 -8.19 -5.78
CA VAL B 111 -2.80 -8.23 -5.75
C VAL B 111 -2.14 -7.66 -4.51
C VAL B 111 -2.13 -7.66 -4.50
N ARG B 112 -2.38 -6.39 -4.23
CA ARG B 112 -1.86 -5.75 -3.03
C ARG B 112 -2.74 -4.58 -2.67
N THR B 113 -2.55 -4.07 -1.47
CA THR B 113 -3.26 -2.86 -1.07
C THR B 113 -2.30 -1.73 -0.74
N VAL B 114 -2.81 -0.51 -0.78
N VAL B 114 -2.80 -0.50 -0.82
CA VAL B 114 -2.02 0.66 -0.42
CA VAL B 114 -2.01 0.65 -0.40
C VAL B 114 -2.85 1.63 0.40
C VAL B 114 -2.88 1.52 0.51
N ASN B 115 -2.23 2.29 1.36
CA ASN B 115 -2.93 3.16 2.28
C ASN B 115 -2.20 4.49 2.39
N ARG B 116 -2.80 5.53 1.81
CA ARG B 116 -2.42 6.90 2.15
C ARG B 116 -3.71 7.59 2.58
N GLN B 117 -4.34 6.98 3.58
CA GLN B 117 -5.60 7.48 4.13
C GLN B 117 -6.60 7.83 3.02
N CYS B 118 -7.16 9.03 3.10
N CYS B 118 -7.20 9.01 3.09
CA CYS B 118 -8.23 9.47 2.21
CA CYS B 118 -8.27 9.36 2.16
C CYS B 118 -7.88 9.43 0.71
C CYS B 118 -7.89 9.41 0.69
N SER B 119 -6.59 9.44 0.39
CA SER B 119 -6.16 9.46 -1.00
C SER B 119 -5.90 8.07 -1.58
N SER B 120 -6.14 7.03 -0.79
CA SER B 120 -5.63 5.70 -1.15
C SER B 120 -6.04 5.23 -2.54
N GLY B 121 -7.29 5.49 -2.94
CA GLY B 121 -7.76 5.04 -4.25
C GLY B 121 -7.03 5.71 -5.41
N LEU B 122 -6.68 6.98 -5.22
CA LEU B 122 -5.92 7.70 -6.24
C LEU B 122 -4.46 7.27 -6.22
N GLN B 123 -3.91 7.09 -5.02
CA GLN B 123 -2.57 6.55 -4.86
C GLN B 123 -2.42 5.23 -5.61
N ALA B 124 -3.43 4.36 -5.53
CA ALA B 124 -3.36 3.09 -6.23
C ALA B 124 -3.21 3.29 -7.73
N VAL B 125 -3.97 4.23 -8.29
CA VAL B 125 -3.86 4.54 -9.71
C VAL B 125 -2.46 5.05 -10.06
N ALA B 126 -1.94 5.94 -9.22
CA ALA B 126 -0.62 6.49 -9.43
C ALA B 126 0.46 5.41 -9.34
N ASP B 127 0.28 4.46 -8.41
N ASP B 127 0.30 4.46 -8.41
CA ASP B 127 1.24 3.37 -8.27
CA ASP B 127 1.25 3.37 -8.28
C ASP B 127 1.29 2.49 -9.51
C ASP B 127 1.30 2.53 -9.54
N VAL B 128 0.13 2.25 -10.11
CA VAL B 128 0.08 1.49 -11.34
C VAL B 128 0.74 2.27 -12.47
N ALA B 129 0.47 3.57 -12.55
CA ALA B 129 1.11 4.39 -13.58
C ALA B 129 2.62 4.38 -13.41
N ALA B 130 3.10 4.46 -12.17
CA ALA B 130 4.55 4.45 -11.91
C ALA B 130 5.15 3.11 -12.34
N ALA B 131 4.46 2.03 -12.01
CA ALA B 131 4.98 0.71 -12.33
C ALA B 131 5.06 0.51 -13.84
N ILE B 132 4.05 0.99 -14.56
CA ILE B 132 4.08 0.83 -16.01
C ILE B 132 5.21 1.67 -16.60
N LYS B 133 5.32 2.92 -16.15
CA LYS B 133 6.40 3.80 -16.60
C LYS B 133 7.77 3.21 -16.33
N ALA B 134 7.90 2.55 -15.18
CA ALA B 134 9.17 1.95 -14.76
C ALA B 134 9.50 0.64 -15.46
N GLY B 135 8.55 0.10 -16.23
CA GLY B 135 8.83 -1.14 -16.95
C GLY B 135 8.56 -2.40 -16.15
N PHE B 136 7.82 -2.27 -15.05
CA PHE B 136 7.52 -3.44 -14.20
C PHE B 136 6.51 -4.38 -14.88
N TYR B 137 5.60 -3.80 -15.65
CA TYR B 137 4.57 -4.53 -16.40
C TYR B 137 3.89 -3.53 -17.32
N ASP B 138 3.07 -4.03 -18.27
CA ASP B 138 2.46 -3.14 -19.27
C ASP B 138 1.01 -2.80 -18.99
N ILE B 139 0.36 -3.55 -18.11
CA ILE B 139 -1.07 -3.38 -17.82
C ILE B 139 -1.30 -3.57 -16.34
N GLY B 140 -2.08 -2.68 -15.70
CA GLY B 140 -2.41 -2.87 -14.31
C GLY B 140 -3.75 -2.29 -13.95
N ILE B 141 -4.27 -2.71 -12.81
CA ILE B 141 -5.52 -2.15 -12.29
C ILE B 141 -5.25 -1.38 -11.01
N GLY B 142 -5.68 -0.12 -10.98
CA GLY B 142 -5.65 0.69 -9.77
C GLY B 142 -7.08 0.83 -9.27
N ALA B 143 -7.32 0.43 -8.03
CA ALA B 143 -8.69 0.37 -7.51
C ALA B 143 -8.76 0.98 -6.12
N GLY B 144 -9.99 1.14 -5.63
CA GLY B 144 -10.21 1.66 -4.30
C GLY B 144 -11.41 0.94 -3.72
N LEU B 145 -11.39 0.72 -2.42
CA LEU B 145 -12.45 -0.07 -1.77
C LEU B 145 -12.62 0.38 -0.32
N GLU B 146 -13.86 0.60 0.09
CA GLU B 146 -14.12 0.78 1.52
C GLU B 146 -15.51 0.32 1.84
N SER B 147 -15.66 -0.42 2.94
CA SER B 147 -16.98 -0.70 3.52
C SER B 147 -16.97 -0.10 4.91
N MET B 148 -17.46 1.13 5.01
CA MET B 148 -17.48 1.80 6.31
C MET B 148 -18.58 1.24 7.22
N THR B 149 -19.46 0.44 6.64
CA THR B 149 -20.37 -0.40 7.42
C THR B 149 -19.58 -1.43 8.22
N THR B 150 -18.60 -2.04 7.55
CA THR B 150 -17.84 -3.13 8.12
C THR B 150 -16.77 -2.68 9.11
N ASN B 151 -16.08 -1.59 8.78
CA ASN B 151 -14.88 -1.19 9.51
C ASN B 151 -15.00 0.18 10.17
N PRO B 152 -15.03 0.20 11.52
CA PRO B 152 -15.12 1.48 12.22
C PRO B 152 -13.81 2.26 12.17
N MET B 153 -13.87 3.57 12.38
CA MET B 153 -12.69 4.41 12.51
C MET B 153 -12.34 4.62 13.97
N ALA B 154 -11.74 3.61 14.59
CA ALA B 154 -11.39 3.71 16.01
C ALA B 154 -9.98 3.21 16.29
N TRP B 155 -9.24 3.95 17.10
CA TRP B 155 -7.89 3.56 17.50
C TRP B 155 -7.96 2.34 18.39
N GLU B 156 -6.97 1.46 18.24
CA GLU B 156 -6.89 0.26 19.07
C GLU B 156 -5.62 0.30 19.91
N GLY B 157 -5.69 -0.22 21.13
CA GLY B 157 -4.54 -0.23 22.01
C GLY B 157 -4.21 1.14 22.55
N SER B 158 -3.07 1.27 23.23
CA SER B 158 -2.69 2.54 23.82
C SER B 158 -1.97 3.43 22.82
N VAL B 159 -1.83 4.70 23.17
CA VAL B 159 -1.05 5.63 22.38
C VAL B 159 0.33 5.74 23.02
N ASN B 160 1.37 5.77 22.19
CA ASN B 160 2.73 5.91 22.70
C ASN B 160 2.87 7.23 23.47
N PRO B 161 3.21 7.15 24.75
CA PRO B 161 3.40 8.36 25.59
C PRO B 161 4.34 9.38 24.94
N ALA B 162 5.21 8.93 24.05
CA ALA B 162 6.15 9.82 23.38
C ALA B 162 5.48 10.91 22.54
N VAL B 163 4.23 10.66 22.16
N VAL B 163 4.23 10.67 22.13
CA VAL B 163 3.45 11.61 21.36
CA VAL B 163 3.50 11.66 21.34
C VAL B 163 3.41 13.00 22.02
C VAL B 163 3.46 13.03 22.01
N LYS B 164 3.48 13.03 23.34
CA LYS B 164 3.40 14.28 24.10
C LYS B 164 4.62 15.18 23.90
N LYS B 165 5.68 14.63 23.32
CA LYS B 165 6.92 15.38 23.15
C LYS B 165 7.07 15.94 21.74
N PHE B 166 6.18 15.50 20.84
CA PHE B 166 6.22 15.93 19.46
C PHE B 166 4.84 16.45 19.06
N ALA B 167 4.69 17.77 19.05
CA ALA B 167 3.40 18.37 18.82
C ALA B 167 2.76 17.91 17.51
N GLN B 168 3.58 17.77 16.47
CA GLN B 168 3.01 17.42 15.16
C GLN B 168 2.53 15.98 15.14
N ALA B 169 3.24 15.12 15.84
CA ALA B 169 2.81 13.73 16.01
C ALA B 169 1.51 13.71 16.78
N GLN B 170 1.44 14.46 17.88
CA GLN B 170 0.20 14.52 18.65
C GLN B 170 -0.96 15.00 17.77
N ASN B 171 -0.69 15.97 16.91
CA ASN B 171 -1.76 16.51 16.06
C ASN B 171 -2.29 15.49 15.06
N CYS B 172 -1.51 14.44 14.80
CA CYS B 172 -2.00 13.35 13.97
C CYS B 172 -3.19 12.61 14.58
N LEU B 173 -3.38 12.77 15.89
CA LEU B 173 -4.44 12.08 16.60
C LEU B 173 -5.73 12.89 16.69
N LEU B 174 -5.71 14.12 16.17
CA LEU B 174 -6.91 14.95 16.15
C LEU B 174 -8.00 14.30 15.33
N PRO B 175 -9.24 14.34 15.81
CA PRO B 175 -10.36 13.94 14.94
C PRO B 175 -10.32 14.77 13.65
N MET B 176 -10.63 14.10 12.53
CA MET B 176 -10.71 14.80 11.25
C MET B 176 -11.64 16.00 11.37
N GLY B 177 -12.74 15.80 12.08
CA GLY B 177 -13.73 16.85 12.25
C GLY B 177 -13.22 18.04 13.03
N VAL B 178 -12.29 17.79 13.96
CA VAL B 178 -11.65 18.91 14.65
C VAL B 178 -10.75 19.70 13.68
N THR B 179 -10.06 19.01 12.77
CA THR B 179 -9.24 19.74 11.80
C THR B 179 -10.12 20.55 10.86
N SER B 180 -11.34 20.09 10.63
CA SER B 180 -12.31 20.86 9.87
C SER B 180 -12.59 22.18 10.58
N GLU B 181 -12.86 22.10 11.90
CA GLU B 181 -13.11 23.31 12.66
C GLU B 181 -11.89 24.22 12.61
N ASN B 182 -10.68 23.65 12.73
CA ASN B 182 -9.47 24.46 12.66
C ASN B 182 -9.34 25.24 11.35
N VAL B 183 -9.67 24.59 10.25
CA VAL B 183 -9.65 25.26 8.95
C VAL B 183 -10.72 26.37 8.87
N ALA B 184 -11.94 26.06 9.30
CA ALA B 184 -13.04 27.03 9.23
C ALA B 184 -12.71 28.26 10.07
N GLN B 185 -12.17 28.03 11.26
CA GLN B 185 -11.85 29.15 12.15
C GLN B 185 -10.62 29.94 11.68
N ARG B 186 -9.56 29.23 11.32
N ARG B 186 -9.55 29.23 11.32
CA ARG B 186 -8.33 29.91 10.92
CA ARG B 186 -8.32 29.88 10.91
C ARG B 186 -8.50 30.73 9.64
C ARG B 186 -8.50 30.72 9.64
N PHE B 187 -9.24 30.20 8.68
CA PHE B 187 -9.37 30.84 7.38
C PHE B 187 -10.71 31.54 7.15
N GLY B 188 -11.54 31.55 8.17
CA GLY B 188 -12.76 32.33 8.13
C GLY B 188 -13.81 31.82 7.16
N VAL B 189 -14.09 30.52 7.22
CA VAL B 189 -15.14 29.94 6.39
C VAL B 189 -16.41 29.85 7.22
N SER B 190 -17.43 30.60 6.82
CA SER B 190 -18.64 30.68 7.61
C SER B 190 -19.50 29.42 7.55
N ARG B 191 -20.40 29.29 8.52
CA ARG B 191 -21.42 28.26 8.49
C ARG B 191 -22.20 28.30 7.18
N GLN B 192 -22.58 29.49 6.73
CA GLN B 192 -23.38 29.61 5.52
C GLN B 192 -22.62 29.15 4.29
N GLU B 193 -21.34 29.52 4.19
CA GLU B 193 -20.50 29.08 3.07
C GLU B 193 -20.39 27.56 3.03
N GLN B 194 -20.25 26.96 4.21
CA GLN B 194 -20.12 25.51 4.30
C GLN B 194 -21.40 24.82 3.89
N ASP B 195 -22.50 25.28 4.46
CA ASP B 195 -23.79 24.69 4.16
C ASP B 195 -24.17 24.90 2.69
N GLN B 196 -23.80 26.04 2.11
CA GLN B 196 -24.10 26.29 0.69
C GLN B 196 -23.38 25.30 -0.20
N ALA B 197 -22.14 24.97 0.12
CA ALA B 197 -21.42 23.96 -0.65
C ALA B 197 -22.17 22.62 -0.63
N ALA B 198 -22.72 22.25 0.52
CA ALA B 198 -23.52 21.02 0.63
C ALA B 198 -24.81 21.09 -0.19
N VAL B 199 -25.51 22.23 -0.10
CA VAL B 199 -26.71 22.44 -0.92
C VAL B 199 -26.36 22.22 -2.39
N ASP B 200 -25.28 22.85 -2.83
CA ASP B 200 -24.84 22.74 -4.22
C ASP B 200 -24.50 21.30 -4.61
N SER B 201 -23.84 20.57 -3.70
CA SER B 201 -23.43 19.21 -3.97
C SER B 201 -24.65 18.31 -4.21
N HIS B 202 -25.64 18.40 -3.34
CA HIS B 202 -26.86 17.61 -3.50
C HIS B 202 -27.62 18.00 -4.76
N ARG B 203 -27.69 19.30 -5.03
N ARG B 203 -27.71 19.31 -5.02
CA ARG B 203 -28.39 19.77 -6.22
CA ARG B 203 -28.37 19.78 -6.22
C ARG B 203 -27.74 19.22 -7.51
C ARG B 203 -27.73 19.15 -7.46
N LYS B 204 -26.41 19.31 -7.57
CA LYS B 204 -25.68 18.79 -8.74
C LYS B 204 -25.78 17.27 -8.87
N ALA B 205 -25.65 16.56 -7.75
CA ALA B 205 -25.78 15.10 -7.77
C ALA B 205 -27.16 14.65 -8.19
N ALA B 206 -28.19 15.34 -7.70
CA ALA B 206 -29.56 15.00 -8.06
C ALA B 206 -29.77 15.19 -9.56
N ALA B 207 -29.31 16.33 -10.07
CA ALA B 207 -29.46 16.62 -11.49
C ALA B 207 -28.67 15.64 -12.35
N ALA B 208 -27.46 15.31 -11.92
CA ALA B 208 -26.64 14.39 -12.71
C ALA B 208 -27.28 13.00 -12.77
N THR B 209 -27.79 12.54 -11.64
CA THR B 209 -28.41 11.22 -11.59
C THR B 209 -29.64 11.19 -12.52
N ALA B 210 -30.43 12.24 -12.47
CA ALA B 210 -31.66 12.28 -13.26
C ALA B 210 -31.36 12.37 -14.76
N ALA B 211 -30.26 13.02 -15.10
CA ALA B 211 -29.84 13.19 -16.49
C ALA B 211 -29.10 11.96 -17.00
N GLY B 212 -28.88 10.99 -16.13
CA GLY B 212 -28.22 9.76 -16.49
C GLY B 212 -26.72 9.87 -16.64
N LYS B 213 -26.13 10.92 -16.06
N LYS B 213 -26.16 10.94 -16.08
CA LYS B 213 -24.70 11.18 -16.25
CA LYS B 213 -24.73 11.21 -16.19
C LYS B 213 -23.78 10.22 -15.48
C LYS B 213 -23.88 10.05 -15.66
N PHE B 214 -24.35 9.42 -14.58
CA PHE B 214 -23.56 8.38 -13.92
C PHE B 214 -23.70 6.99 -14.56
N LYS B 215 -24.53 6.86 -15.59
N LYS B 215 -24.53 6.88 -15.60
CA LYS B 215 -24.77 5.55 -16.16
CA LYS B 215 -24.79 5.57 -16.20
C LYS B 215 -23.51 4.89 -16.71
C LYS B 215 -23.56 4.88 -16.78
N ASP B 216 -22.68 5.66 -17.42
CA ASP B 216 -21.49 5.10 -18.01
C ASP B 216 -20.54 4.57 -16.93
N GLU B 217 -20.36 5.35 -15.88
CA GLU B 217 -19.33 4.98 -14.91
C GLU B 217 -19.78 3.91 -13.95
N ILE B 218 -21.07 3.86 -13.64
CA ILE B 218 -21.58 2.92 -12.64
C ILE B 218 -21.74 1.48 -13.14
N ILE B 219 -21.20 0.57 -12.35
CA ILE B 219 -21.48 -0.86 -12.53
C ILE B 219 -22.54 -1.26 -11.51
N PRO B 220 -23.74 -1.64 -11.98
CA PRO B 220 -24.73 -2.03 -10.98
C PRO B 220 -24.30 -3.28 -10.23
N VAL B 221 -24.67 -3.35 -8.96
CA VAL B 221 -24.25 -4.45 -8.10
C VAL B 221 -25.45 -5.27 -7.67
N LYS B 222 -25.40 -6.55 -7.96
CA LYS B 222 -26.44 -7.48 -7.56
C LYS B 222 -26.05 -8.05 -6.21
N THR B 223 -26.89 -7.80 -5.22
CA THR B 223 -26.56 -8.19 -3.85
C THR B 223 -27.84 -8.49 -3.08
N LYS B 224 -27.74 -8.54 -1.76
CA LYS B 224 -28.88 -8.85 -0.89
C LYS B 224 -29.03 -7.74 0.12
N LEU B 225 -30.26 -7.50 0.55
CA LEU B 225 -30.54 -6.49 1.55
C LEU B 225 -31.48 -7.07 2.58
N VAL B 226 -31.12 -6.93 3.85
CA VAL B 226 -32.01 -7.33 4.93
C VAL B 226 -32.88 -6.14 5.32
N ASP B 227 -34.19 -6.30 5.20
CA ASP B 227 -35.09 -5.20 5.50
C ASP B 227 -35.01 -4.86 6.99
N PRO B 228 -34.74 -3.59 7.31
CA PRO B 228 -34.53 -3.19 8.71
C PRO B 228 -35.79 -3.34 9.56
N LYS B 229 -36.96 -3.32 8.94
CA LYS B 229 -38.21 -3.42 9.70
C LYS B 229 -38.78 -4.83 9.73
N THR B 230 -38.68 -5.56 8.62
CA THR B 230 -39.29 -6.89 8.55
C THR B 230 -38.32 -8.03 8.81
N GLY B 231 -37.04 -7.79 8.59
CA GLY B 231 -36.04 -8.83 8.75
C GLY B 231 -35.95 -9.78 7.56
N ASP B 232 -36.79 -9.56 6.56
CA ASP B 232 -36.74 -10.38 5.35
C ASP B 232 -35.48 -10.05 4.56
N GLU B 233 -34.97 -11.04 3.83
N GLU B 233 -34.97 -11.03 3.85
CA GLU B 233 -33.84 -10.80 2.92
CA GLU B 233 -33.88 -10.80 2.91
C GLU B 233 -34.28 -10.85 1.46
C GLU B 233 -34.45 -10.74 1.50
N LYS B 234 -33.96 -9.81 0.70
CA LYS B 234 -34.35 -9.75 -0.69
C LYS B 234 -33.18 -9.49 -1.60
N PRO B 235 -33.24 -10.02 -2.84
CA PRO B 235 -32.23 -9.68 -3.84
C PRO B 235 -32.48 -8.26 -4.30
N ILE B 236 -31.41 -7.48 -4.43
CA ILE B 236 -31.56 -6.16 -5.01
C ILE B 236 -30.44 -5.93 -5.99
N THR B 237 -30.70 -5.05 -6.96
CA THR B 237 -29.66 -4.55 -7.84
C THR B 237 -29.51 -3.08 -7.51
N VAL B 238 -28.31 -2.70 -7.06
CA VAL B 238 -28.06 -1.33 -6.70
C VAL B 238 -27.44 -0.61 -7.90
N SER B 239 -28.09 0.45 -8.35
CA SER B 239 -27.64 1.13 -9.57
C SER B 239 -27.44 2.63 -9.42
N VAL B 240 -27.87 3.18 -8.30
CA VAL B 240 -27.69 4.61 -8.07
C VAL B 240 -27.17 4.87 -6.66
N ASP B 241 -26.54 6.03 -6.50
CA ASP B 241 -26.01 6.47 -5.21
C ASP B 241 -27.17 6.81 -4.29
N ASP B 242 -27.26 6.15 -3.14
CA ASP B 242 -28.45 6.29 -2.30
C ASP B 242 -28.40 7.40 -1.25
N GLY B 243 -27.33 8.20 -1.23
CA GLY B 243 -27.16 9.21 -0.22
C GLY B 243 -27.63 10.61 -0.60
N ILE B 244 -28.04 10.78 -1.85
CA ILE B 244 -28.40 12.09 -2.36
C ILE B 244 -29.72 12.53 -1.74
N ARG B 245 -29.77 13.79 -1.31
CA ARG B 245 -31.00 14.33 -0.73
C ARG B 245 -31.38 15.64 -1.41
N PRO B 246 -32.22 15.55 -2.44
CA PRO B 246 -32.54 16.73 -3.26
C PRO B 246 -33.23 17.83 -2.48
N THR B 247 -33.83 17.50 -1.33
CA THR B 247 -34.53 18.51 -0.53
C THR B 247 -33.62 19.26 0.43
N THR B 248 -32.31 19.10 0.26
CA THR B 248 -31.34 19.79 1.10
C THR B 248 -31.30 21.30 0.82
N THR B 249 -31.48 22.08 1.88
CA THR B 249 -31.49 23.54 1.77
C THR B 249 -30.61 24.14 2.85
N LEU B 250 -30.36 25.44 2.78
CA LEU B 250 -29.68 26.12 3.88
C LEU B 250 -30.48 25.96 5.17
N ALA B 251 -31.80 25.97 5.06
CA ALA B 251 -32.64 25.84 6.24
C ALA B 251 -32.52 24.44 6.86
N SER B 252 -32.51 23.40 6.02
CA SER B 252 -32.48 22.06 6.57
C SER B 252 -31.12 21.79 7.19
N LEU B 253 -30.07 22.26 6.54
CA LEU B 253 -28.71 22.11 7.07
C LEU B 253 -28.52 22.90 8.36
N GLY B 254 -29.25 24.01 8.47
CA GLY B 254 -29.17 24.86 9.66
C GLY B 254 -29.67 24.21 10.92
N LYS B 255 -30.57 23.24 10.80
CA LYS B 255 -31.11 22.54 11.95
C LYS B 255 -30.04 21.67 12.62
N LEU B 256 -29.05 21.26 11.83
CA LEU B 256 -28.07 20.30 12.32
C LEU B 256 -27.15 20.89 13.38
N LYS B 257 -26.81 20.06 14.37
CA LYS B 257 -25.92 20.49 15.44
C LYS B 257 -24.47 20.13 15.12
N PRO B 258 -23.52 20.92 15.63
CA PRO B 258 -22.10 20.60 15.43
C PRO B 258 -21.76 19.26 16.07
N VAL B 259 -20.91 18.49 15.40
CA VAL B 259 -20.60 17.13 15.82
C VAL B 259 -19.35 17.04 16.69
N PHE B 260 -18.37 17.90 16.42
CA PHE B 260 -17.04 17.70 17.00
C PHE B 260 -16.71 18.66 18.11
N LYS B 261 -17.33 19.84 18.06
CA LYS B 261 -17.16 20.83 19.12
C LYS B 261 -18.51 21.43 19.45
N LYS B 262 -18.72 21.73 20.72
CA LYS B 262 -20.01 22.27 21.17
C LYS B 262 -20.39 23.54 20.42
N ASP B 263 -19.38 24.30 20.03
CA ASP B 263 -19.58 25.57 19.34
C ASP B 263 -19.13 25.51 17.88
N GLY B 264 -19.04 24.31 17.33
CA GLY B 264 -18.50 24.15 15.99
C GLY B 264 -19.43 24.57 14.87
N THR B 265 -18.89 24.67 13.66
CA THR B 265 -19.72 24.85 12.47
C THR B 265 -19.70 23.62 11.55
N THR B 266 -18.90 22.61 11.91
CA THR B 266 -18.90 21.35 11.17
C THR B 266 -20.02 20.43 11.64
N THR B 267 -20.89 20.05 10.72
CA THR B 267 -22.02 19.17 11.05
C THR B 267 -22.00 17.93 10.15
N ALA B 268 -22.92 16.99 10.40
CA ALA B 268 -23.03 15.84 9.52
C ALA B 268 -23.41 16.32 8.11
N GLY B 269 -24.11 17.44 8.04
CA GLY B 269 -24.65 17.94 6.79
C GLY B 269 -23.66 18.66 5.87
N ASN B 270 -22.57 19.15 6.45
CA ASN B 270 -21.53 19.79 5.65
C ASN B 270 -20.22 19.02 5.75
N SER B 271 -20.33 17.73 6.04
CA SER B 271 -19.20 16.79 5.97
C SER B 271 -19.52 15.71 4.95
N SER B 272 -18.49 15.02 4.46
CA SER B 272 -18.75 13.86 3.61
C SER B 272 -19.62 12.84 4.32
N GLN B 273 -20.37 12.06 3.55
CA GLN B 273 -21.13 10.95 4.10
C GLN B 273 -20.22 9.75 4.30
N VAL B 274 -20.50 9.00 5.36
CA VAL B 274 -19.87 7.72 5.61
C VAL B 274 -20.52 6.67 4.70
N SER B 275 -19.71 6.01 3.87
CA SER B 275 -20.27 5.23 2.76
C SER B 275 -19.50 3.95 2.45
N ASP B 276 -20.13 3.10 1.65
CA ASP B 276 -19.57 1.84 1.14
C ASP B 276 -19.50 1.92 -0.38
N GLY B 277 -18.39 1.46 -0.96
CA GLY B 277 -18.31 1.41 -2.41
C GLY B 277 -16.92 1.06 -2.91
N ALA B 278 -16.78 1.02 -4.22
CA ALA B 278 -15.50 0.64 -4.83
C ALA B 278 -15.35 1.33 -6.18
N GLY B 279 -14.11 1.56 -6.59
CA GLY B 279 -13.83 2.02 -7.95
C GLY B 279 -12.63 1.26 -8.52
N ALA B 280 -12.52 1.21 -9.84
CA ALA B 280 -11.35 0.56 -10.45
C ALA B 280 -11.04 1.16 -11.80
N VAL B 281 -9.76 1.20 -12.13
CA VAL B 281 -9.26 1.85 -13.33
C VAL B 281 -8.29 0.88 -13.99
N LEU B 282 -8.46 0.65 -15.29
CA LEU B 282 -7.54 -0.22 -16.04
C LEU B 282 -6.59 0.64 -16.85
N LEU B 283 -5.30 0.49 -16.55
CA LEU B 283 -4.25 1.31 -17.17
C LEU B 283 -3.30 0.43 -17.96
N MET B 284 -2.76 0.98 -19.04
CA MET B 284 -1.76 0.25 -19.82
C MET B 284 -0.93 1.21 -20.64
N LYS B 285 0.20 0.73 -21.15
CA LYS B 285 1.00 1.50 -22.08
C LYS B 285 0.14 1.83 -23.30
N ARG B 286 0.24 3.05 -23.79
CA ARG B 286 -0.51 3.45 -24.97
C ARG B 286 -0.32 2.48 -26.14
N SER B 287 0.92 2.06 -26.37
CA SER B 287 1.22 1.17 -27.50
C SER B 287 0.47 -0.15 -27.40
N VAL B 288 0.26 -0.60 -26.16
CA VAL B 288 -0.51 -1.83 -25.93
C VAL B 288 -2.00 -1.61 -26.18
N ALA B 289 -2.52 -0.50 -25.71
CA ALA B 289 -3.91 -0.15 -26.02
C ALA B 289 -4.10 -0.09 -27.53
N MET B 290 -3.14 0.53 -28.22
N MET B 290 -3.13 0.46 -28.24
CA MET B 290 -3.22 0.67 -29.67
CA MET B 290 -3.27 0.57 -29.70
C MET B 290 -3.20 -0.70 -30.35
C MET B 290 -3.09 -0.75 -30.42
N GLN B 291 -2.26 -1.55 -29.94
N GLN B 291 -2.27 -1.64 -29.88
CA GLN B 291 -2.18 -2.90 -30.49
CA GLN B 291 -2.12 -2.96 -30.45
C GLN B 291 -3.52 -3.61 -30.35
C GLN B 291 -3.43 -3.75 -30.29
N LYS B 292 -4.12 -3.51 -29.17
CA LYS B 292 -5.38 -4.19 -28.89
C LYS B 292 -6.61 -3.50 -29.48
N GLY B 293 -6.44 -2.29 -30.01
CA GLY B 293 -7.57 -1.55 -30.56
C GLY B 293 -8.54 -1.05 -29.51
N LEU B 294 -8.01 -0.70 -28.33
CA LEU B 294 -8.84 -0.19 -27.25
C LEU B 294 -8.87 1.33 -27.24
N PRO B 295 -10.08 1.90 -27.20
CA PRO B 295 -10.12 3.37 -27.20
C PRO B 295 -9.62 3.92 -25.87
N VAL B 296 -8.93 5.04 -25.94
CA VAL B 296 -8.36 5.66 -24.74
C VAL B 296 -9.34 6.62 -24.08
N LEU B 297 -9.64 6.35 -22.81
CA LEU B 297 -10.52 7.21 -22.01
C LEU B 297 -9.77 8.41 -21.43
N GLY B 298 -8.53 8.19 -21.01
CA GLY B 298 -7.74 9.28 -20.45
C GLY B 298 -6.28 8.95 -20.49
N VAL B 299 -5.45 9.97 -20.27
CA VAL B 299 -4.02 9.79 -20.18
C VAL B 299 -3.60 10.28 -18.81
N PHE B 300 -2.85 9.44 -18.11
CA PHE B 300 -2.26 9.86 -16.86
C PHE B 300 -1.10 10.81 -17.15
N ARG B 301 -1.09 11.97 -16.51
CA ARG B 301 0.02 12.90 -16.71
C ARG B 301 0.94 13.04 -15.50
N THR B 302 0.41 13.52 -14.36
CA THR B 302 1.25 13.73 -13.19
C THR B 302 0.55 13.39 -11.89
N PHE B 303 1.34 13.23 -10.83
CA PHE B 303 0.80 12.95 -9.51
C PHE B 303 1.69 13.62 -8.48
N ALA B 304 1.07 14.21 -7.46
CA ALA B 304 1.78 14.80 -6.34
C ALA B 304 1.15 14.33 -5.05
N ALA B 305 1.98 13.97 -4.08
CA ALA B 305 1.52 13.71 -2.71
C ALA B 305 2.45 14.48 -1.79
N VAL B 306 1.89 15.46 -1.10
CA VAL B 306 2.66 16.40 -0.30
C VAL B 306 2.18 16.41 1.14
N GLY B 307 3.06 16.75 2.06
CA GLY B 307 2.69 16.83 3.47
C GLY B 307 2.32 18.25 3.86
N VAL B 308 1.37 18.36 4.79
CA VAL B 308 0.98 19.64 5.36
C VAL B 308 0.77 19.49 6.87
N ASP B 309 0.52 20.60 7.56
CA ASP B 309 0.26 20.59 9.00
C ASP B 309 -0.93 19.68 9.32
N PRO B 310 -0.70 18.63 10.14
CA PRO B 310 -1.79 17.70 10.46
C PRO B 310 -3.01 18.41 11.06
N ALA B 311 -2.76 19.49 11.78
CA ALA B 311 -3.85 20.20 12.46
C ALA B 311 -4.82 20.85 11.48
N ILE B 312 -4.37 21.09 10.26
CA ILE B 312 -5.22 21.67 9.23
C ILE B 312 -5.09 20.88 7.93
N MET B 313 -5.21 19.56 8.08
CA MET B 313 -4.98 18.65 6.96
C MET B 313 -5.85 18.98 5.75
N GLY B 314 -7.00 19.61 5.98
CA GLY B 314 -7.93 19.96 4.91
C GLY B 314 -7.34 20.84 3.83
N ILE B 315 -6.22 21.50 4.12
CA ILE B 315 -5.58 22.36 3.11
C ILE B 315 -4.83 21.58 2.04
N GLY B 316 -4.75 20.27 2.20
CA GLY B 316 -3.99 19.43 1.29
C GLY B 316 -4.06 19.84 -0.18
N PRO B 317 -5.29 19.92 -0.73
CA PRO B 317 -5.38 20.23 -2.16
C PRO B 317 -4.79 21.59 -2.57
N ALA B 318 -4.78 22.56 -1.66
CA ALA B 318 -4.29 23.88 -2.00
C ALA B 318 -2.79 23.82 -2.26
N VAL B 319 -2.14 22.78 -1.72
CA VAL B 319 -0.71 22.57 -1.93
C VAL B 319 -0.45 21.54 -3.04
N ALA B 320 -1.23 20.46 -3.04
CA ALA B 320 -1.00 19.38 -4.01
C ALA B 320 -1.39 19.73 -5.44
N ILE B 321 -2.48 20.48 -5.60
CA ILE B 321 -2.91 20.80 -6.96
C ILE B 321 -1.86 21.64 -7.70
N PRO B 322 -1.39 22.75 -7.09
CA PRO B 322 -0.33 23.48 -7.77
C PRO B 322 0.89 22.62 -8.11
N ALA B 323 1.27 21.71 -7.22
CA ALA B 323 2.41 20.83 -7.49
C ALA B 323 2.20 19.96 -8.71
N ALA B 324 1.05 19.29 -8.77
CA ALA B 324 0.75 18.39 -9.89
C ALA B 324 0.58 19.13 -11.20
N VAL B 325 -0.04 20.30 -11.13
CA VAL B 325 -0.26 21.12 -12.32
C VAL B 325 1.08 21.65 -12.86
N LYS B 326 1.91 22.18 -11.96
CA LYS B 326 3.26 22.62 -12.32
C LYS B 326 4.03 21.51 -13.03
N ALA B 327 4.02 20.32 -12.44
CA ALA B 327 4.74 19.18 -12.98
C ALA B 327 4.27 18.81 -14.38
N ALA B 328 3.01 19.08 -14.68
CA ALA B 328 2.44 18.74 -15.98
C ALA B 328 2.76 19.80 -17.02
N GLY B 329 3.42 20.87 -16.60
CA GLY B 329 3.75 21.97 -17.51
C GLY B 329 2.56 22.88 -17.76
N LEU B 330 1.64 22.92 -16.81
CA LEU B 330 0.41 23.69 -16.96
C LEU B 330 0.27 24.78 -15.91
N GLU B 331 -0.72 25.65 -16.11
CA GLU B 331 -1.13 26.63 -15.11
C GLU B 331 -2.52 26.23 -14.61
N LEU B 332 -2.93 26.74 -13.46
CA LEU B 332 -4.25 26.40 -12.92
C LEU B 332 -5.37 26.70 -13.92
N ASP B 333 -5.25 27.79 -14.64
CA ASP B 333 -6.27 28.17 -15.63
C ASP B 333 -6.45 27.12 -16.72
N ASP B 334 -5.43 26.29 -16.93
CA ASP B 334 -5.48 25.27 -17.99
C ASP B 334 -6.32 24.06 -17.61
N ILE B 335 -6.68 23.95 -16.34
CA ILE B 335 -7.47 22.81 -15.90
C ILE B 335 -8.97 23.03 -16.15
N ASP B 336 -9.58 22.13 -16.91
CA ASP B 336 -10.95 22.29 -17.35
C ASP B 336 -11.98 21.71 -16.39
N LEU B 337 -11.55 20.76 -15.56
CA LEU B 337 -12.49 20.04 -14.69
C LEU B 337 -11.75 19.52 -13.46
N PHE B 338 -12.39 19.64 -12.29
CA PHE B 338 -11.82 19.15 -11.04
C PHE B 338 -12.77 18.21 -10.31
N GLU B 339 -12.18 17.17 -9.71
CA GLU B 339 -12.85 16.36 -8.69
C GLU B 339 -12.06 16.56 -7.42
N ILE B 340 -12.47 17.54 -6.61
CA ILE B 340 -11.81 17.80 -5.33
C ILE B 340 -12.70 17.24 -4.23
N ASN B 341 -12.20 16.30 -3.46
CA ASN B 341 -13.08 15.61 -2.53
C ASN B 341 -13.71 16.54 -1.49
N GLU B 342 -15.01 16.37 -1.25
CA GLU B 342 -15.71 17.17 -0.25
C GLU B 342 -15.60 16.46 1.10
N ALA B 343 -14.40 16.41 1.67
CA ALA B 343 -14.24 15.77 2.98
C ALA B 343 -15.03 16.58 3.99
N PHE B 344 -14.83 17.89 3.95
CA PHE B 344 -15.58 18.83 4.78
C PHE B 344 -15.78 20.10 3.97
N ALA B 345 -16.97 20.67 4.01
CA ALA B 345 -17.20 21.91 3.27
C ALA B 345 -16.19 22.99 3.66
N SER B 346 -15.82 23.03 4.94
CA SER B 346 -14.82 23.97 5.42
C SER B 346 -13.57 23.99 4.53
N GLN B 347 -12.93 22.84 4.39
CA GLN B 347 -11.68 22.76 3.64
C GLN B 347 -11.89 22.78 2.14
N PHE B 348 -13.02 22.24 1.68
CA PHE B 348 -13.35 22.28 0.26
C PHE B 348 -13.47 23.73 -0.20
N VAL B 349 -14.23 24.51 0.54
CA VAL B 349 -14.40 25.93 0.24
C VAL B 349 -13.06 26.65 0.36
N TYR B 350 -12.32 26.38 1.43
CA TYR B 350 -11.02 27.01 1.58
C TYR B 350 -10.15 26.76 0.35
N CYS B 351 -10.02 25.50 -0.05
CA CYS B 351 -9.14 25.18 -1.16
C CYS B 351 -9.59 25.83 -2.47
N ARG B 352 -10.89 25.80 -2.72
CA ARG B 352 -11.46 26.39 -3.92
C ARG B 352 -11.12 27.87 -3.97
N ASN B 353 -11.30 28.54 -2.84
CA ASN B 353 -11.07 29.97 -2.77
C ASN B 353 -9.59 30.32 -2.83
N LYS B 354 -8.78 29.56 -2.10
CA LYS B 354 -7.34 29.82 -2.02
C LYS B 354 -6.73 29.75 -3.41
N LEU B 355 -7.15 28.75 -4.18
CA LEU B 355 -6.60 28.53 -5.51
C LEU B 355 -7.28 29.39 -6.58
N GLY B 356 -8.35 30.08 -6.20
CA GLY B 356 -9.10 30.91 -7.13
C GLY B 356 -9.77 30.14 -8.25
N LEU B 357 -10.18 28.91 -7.96
CA LEU B 357 -10.81 28.07 -9.00
C LEU B 357 -12.25 28.48 -9.33
N ASP B 358 -12.63 28.28 -10.59
CA ASP B 358 -14.01 28.49 -10.99
C ASP B 358 -14.89 27.46 -10.30
N PRO B 359 -15.82 27.91 -9.45
CA PRO B 359 -16.69 26.95 -8.74
C PRO B 359 -17.46 26.07 -9.71
N GLU B 360 -17.70 26.57 -10.93
CA GLU B 360 -18.52 25.82 -11.89
C GLU B 360 -17.79 24.63 -12.50
N LYS B 361 -16.49 24.54 -12.26
CA LYS B 361 -15.68 23.47 -12.86
C LYS B 361 -15.31 22.38 -11.87
N ILE B 362 -15.91 22.42 -10.68
CA ILE B 362 -15.53 21.51 -9.62
C ILE B 362 -16.71 20.64 -9.23
N ASN B 363 -16.48 19.34 -9.18
CA ASN B 363 -17.51 18.37 -8.77
C ASN B 363 -18.84 18.64 -9.45
N VAL B 364 -18.81 18.65 -10.79
CA VAL B 364 -19.94 19.16 -11.55
C VAL B 364 -21.15 18.25 -11.49
N ASN B 365 -20.93 17.00 -11.09
CA ASN B 365 -22.02 16.05 -10.92
C ASN B 365 -22.28 15.77 -9.43
N GLY B 366 -21.84 16.69 -8.59
CA GLY B 366 -21.97 16.52 -7.14
C GLY B 366 -20.74 15.86 -6.55
N GLY B 367 -20.63 15.91 -5.23
CA GLY B 367 -19.47 15.37 -4.55
C GLY B 367 -19.83 14.59 -3.31
N ALA B 368 -18.83 14.32 -2.49
CA ALA B 368 -18.97 13.39 -1.37
C ALA B 368 -20.00 13.80 -0.30
N MET B 369 -20.30 15.08 -0.21
CA MET B 369 -21.33 15.50 0.75
C MET B 369 -22.69 14.95 0.34
N ALA B 370 -22.89 14.74 -0.95
CA ALA B 370 -24.14 14.23 -1.51
C ALA B 370 -24.10 12.74 -1.85
N ILE B 371 -22.97 12.25 -2.36
CA ILE B 371 -22.92 10.86 -2.78
C ILE B 371 -22.03 9.96 -1.94
N GLY B 372 -21.24 10.57 -1.07
CA GLY B 372 -20.49 9.79 -0.10
C GLY B 372 -19.00 9.67 -0.34
N HIS B 373 -18.31 9.16 0.69
CA HIS B 373 -16.85 9.08 0.73
C HIS B 373 -16.47 7.77 1.43
N PRO B 374 -16.58 6.63 0.72
CA PRO B 374 -16.01 5.39 1.24
C PRO B 374 -14.52 5.59 1.08
N LEU B 375 -13.79 5.78 2.17
CA LEU B 375 -12.45 6.35 2.13
C LEU B 375 -11.57 5.87 0.98
N GLY B 376 -11.29 4.57 0.95
CA GLY B 376 -10.39 4.04 -0.07
C GLY B 376 -10.95 4.14 -1.47
N ALA B 377 -12.27 4.04 -1.60
CA ALA B 377 -12.87 4.07 -2.93
C ALA B 377 -12.78 5.43 -3.61
N THR B 378 -12.86 6.50 -2.83
CA THR B 378 -13.02 7.84 -3.39
C THR B 378 -12.00 8.20 -4.46
N GLY B 379 -10.73 8.00 -4.17
CA GLY B 379 -9.69 8.43 -5.08
C GLY B 379 -9.75 7.69 -6.42
N ALA B 380 -10.19 6.44 -6.39
CA ALA B 380 -10.32 5.67 -7.63
C ALA B 380 -11.62 5.98 -8.36
N ARG B 381 -12.72 6.01 -7.63
CA ARG B 381 -14.02 6.28 -8.26
C ARG B 381 -14.03 7.68 -8.87
N CYS B 382 -13.31 8.62 -8.27
CA CYS B 382 -13.24 9.97 -8.82
C CYS B 382 -12.52 10.06 -10.17
N VAL B 383 -11.61 9.13 -10.42
CA VAL B 383 -10.99 9.07 -11.74
C VAL B 383 -12.06 8.72 -12.79
N ALA B 384 -12.96 7.81 -12.43
CA ALA B 384 -14.07 7.46 -13.32
C ALA B 384 -15.00 8.65 -13.52
N THR B 385 -15.38 9.30 -12.43
CA THR B 385 -16.31 10.41 -12.52
C THR B 385 -15.72 11.52 -13.38
N LEU B 386 -14.45 11.82 -13.14
CA LEU B 386 -13.75 12.86 -13.87
C LEU B 386 -13.66 12.51 -15.34
N LEU B 387 -13.11 11.34 -15.65
CA LEU B 387 -12.86 11.01 -17.06
C LEU B 387 -14.13 10.84 -17.86
N HIS B 388 -15.20 10.30 -17.28
CA HIS B 388 -16.41 10.14 -18.08
C HIS B 388 -17.06 11.49 -18.36
N GLU B 389 -16.98 12.41 -17.41
CA GLU B 389 -17.47 13.76 -17.67
C GLU B 389 -16.61 14.48 -18.71
N MET B 390 -15.28 14.36 -18.63
CA MET B 390 -14.43 14.97 -19.64
C MET B 390 -14.77 14.42 -21.04
N LYS B 391 -15.06 13.12 -21.10
CA LYS B 391 -15.43 12.49 -22.36
C LYS B 391 -16.70 13.14 -22.93
N ARG B 392 -17.74 13.22 -22.12
CA ARG B 392 -19.01 13.80 -22.56
C ARG B 392 -18.90 15.29 -22.94
N ARG B 393 -18.01 16.01 -22.26
CA ARG B 393 -17.87 17.45 -22.48
C ARG B 393 -17.09 17.76 -23.74
N GLY B 394 -16.46 16.75 -24.32
CA GLY B 394 -15.75 16.92 -25.57
C GLY B 394 -14.34 17.47 -25.46
N LYS B 395 -13.74 17.72 -26.63
CA LYS B 395 -12.32 18.05 -26.70
C LYS B 395 -11.92 19.30 -25.93
N ASP B 396 -12.85 20.23 -25.73
CA ASP B 396 -12.59 21.45 -24.96
C ASP B 396 -12.24 21.12 -23.51
N CYS B 397 -12.74 19.98 -23.03
CA CYS B 397 -12.49 19.58 -21.66
C CYS B 397 -11.26 18.69 -21.64
N ARG B 398 -10.09 19.31 -21.84
CA ARG B 398 -8.86 18.57 -22.12
C ARG B 398 -8.11 18.09 -20.88
N PHE B 399 -8.10 18.92 -19.84
CA PHE B 399 -7.32 18.58 -18.65
C PHE B 399 -8.19 18.54 -17.41
N GLY B 400 -8.00 17.51 -16.59
CA GLY B 400 -8.74 17.40 -15.35
C GLY B 400 -7.85 16.99 -14.19
N VAL B 401 -8.29 17.34 -12.99
CA VAL B 401 -7.56 17.03 -11.77
C VAL B 401 -8.44 16.27 -10.77
N VAL B 402 -7.90 15.22 -10.17
CA VAL B 402 -8.50 14.61 -8.99
C VAL B 402 -7.62 14.98 -7.80
N SER B 403 -8.22 15.48 -6.74
CA SER B 403 -7.42 15.88 -5.57
C SER B 403 -8.20 15.73 -4.28
N MET B 404 -7.49 15.51 -3.18
CA MET B 404 -8.15 15.44 -1.89
C MET B 404 -7.20 15.74 -0.75
N CYS B 405 -7.77 16.23 0.34
CA CYS B 405 -7.03 16.30 1.60
C CYS B 405 -6.90 14.90 2.19
N ILE B 406 -5.95 14.77 3.10
CA ILE B 406 -5.59 13.46 3.63
C ILE B 406 -5.37 13.56 5.14
N GLY B 407 -6.05 12.71 5.90
CA GLY B 407 -5.88 12.66 7.33
C GLY B 407 -4.41 12.49 7.70
N THR B 408 -4.03 13.10 8.82
CA THR B 408 -2.66 13.21 9.32
C THR B 408 -1.82 14.27 8.61
N GLY B 409 -2.41 14.95 7.63
CA GLY B 409 -1.77 16.12 7.06
C GLY B 409 -1.05 15.89 5.76
N MET B 410 -1.81 15.57 4.71
CA MET B 410 -1.26 15.47 3.37
C MET B 410 -2.29 15.94 2.36
N GLY B 411 -1.83 16.18 1.13
CA GLY B 411 -2.72 16.39 0.01
C GLY B 411 -2.20 15.58 -1.16
N ALA B 412 -3.09 15.11 -2.02
CA ALA B 412 -2.69 14.45 -3.25
C ALA B 412 -3.46 15.04 -4.42
N ALA B 413 -2.84 15.04 -5.58
CA ALA B 413 -3.50 15.49 -6.81
C ALA B 413 -2.89 14.79 -8.00
N ALA B 414 -3.72 14.49 -8.98
CA ALA B 414 -3.25 13.92 -10.23
C ALA B 414 -3.86 14.73 -11.38
N VAL B 415 -3.06 14.96 -12.40
CA VAL B 415 -3.54 15.59 -13.63
C VAL B 415 -3.75 14.50 -14.67
N PHE B 416 -4.93 14.52 -15.29
CA PHE B 416 -5.27 13.63 -16.40
C PHE B 416 -5.59 14.44 -17.64
N GLU B 417 -5.34 13.85 -18.80
CA GLU B 417 -5.73 14.44 -20.07
C GLU B 417 -6.83 13.61 -20.73
N ARG B 418 -7.77 14.27 -21.39
CA ARG B 418 -8.90 13.60 -22.01
C ARG B 418 -8.41 12.71 -23.14
N GLY B 419 -8.91 11.48 -23.17
CA GLY B 419 -8.52 10.54 -24.21
C GLY B 419 -9.24 10.82 -25.50
N ASP B 420 -8.63 10.43 -26.61
CA ASP B 420 -9.19 10.67 -27.95
C ASP B 420 -10.14 9.56 -28.38
N GLY B 421 -10.29 8.54 -27.55
CA GLY B 421 -11.23 7.48 -27.83
C GLY B 421 -11.06 6.86 -29.20
N VAL B 422 -12.17 6.65 -29.90
CA VAL B 422 -12.15 5.96 -31.19
C VAL B 422 -11.35 6.69 -32.26
N ASP B 423 -11.00 7.96 -32.01
CA ASP B 423 -10.32 8.78 -33.02
C ASP B 423 -8.95 8.23 -33.40
N GLU B 424 -8.34 7.47 -32.49
CA GLU B 424 -6.97 7.00 -32.68
C GLU B 424 -6.89 5.56 -33.18
N LEU B 425 -8.04 4.92 -33.36
CA LEU B 425 -8.10 3.49 -33.70
C LEU B 425 -7.86 3.21 -35.18
N ARG B 426 -7.65 1.95 -35.52
CA ARG B 426 -7.41 1.54 -36.91
C ARG B 426 -8.58 1.89 -37.82
N ASN B 427 -9.79 1.89 -37.25
CA ASN B 427 -11.01 2.13 -38.03
C ASN B 427 -11.51 3.58 -37.97
N ALA B 428 -10.64 4.48 -37.51
CA ALA B 428 -11.01 5.89 -37.40
C ALA B 428 -11.34 6.45 -38.78
#